data_2N89
#
_entry.id   2N89
#
_cell.length_a   1.000
_cell.length_b   1.000
_cell.length_c   1.000
_cell.angle_alpha   90.00
_cell.angle_beta   90.00
_cell.angle_gamma   90.00
#
_symmetry.space_group_name_H-M   'P 1'
#
_entity_poly.entity_id   1
_entity_poly.type   'polydeoxyribonucleotide'
_entity_poly.pdbx_seq_one_letter_code
;(DT)(DC)(DC)(CFL)(CFL)(DC)
;
_entity_poly.pdbx_strand_id   A,B,C,D
#
loop_
_chem_comp.id
_chem_comp.type
_chem_comp.name
_chem_comp.formula
CFL DNA linking 4-amino-1-(2-deoxy-2-fluoro-5-O-phosphono-beta-D-arabinofuranosyl)pyrimidin-2(1H)-one 'C9 H13 F N3 O7 P'
DC DNA linking 2'-DEOXYCYTIDINE-5'-MONOPHOSPHATE 'C9 H14 N3 O7 P'
DT DNA linking THYMIDINE-5'-MONOPHOSPHATE 'C10 H15 N2 O8 P'
#
# COMPACT_ATOMS: atom_id res chain seq x y z
P CFL A 4 -7.47 2.68 1.84
O1P CFL A 4 -8.47 3.22 2.78
O2P CFL A 4 -6.93 3.54 0.75
O5' CFL A 4 -6.23 2.14 2.69
C5' CFL A 4 -6.43 1.15 3.68
C4' CFL A 4 -5.10 0.71 4.30
O4' CFL A 4 -4.10 0.56 3.30
C3' CFL A 4 -4.60 1.70 5.35
O3' CFL A 4 -4.46 0.98 6.59
C2' CFL A 4 -3.25 2.16 4.82
C1' CFL A 4 -2.90 1.02 3.87
N1 CFL A 4 -2.01 1.46 2.76
C2 CFL A 4 -0.78 0.83 2.62
O2 CFL A 4 -0.36 -0.03 3.38
N3 CFL A 4 0.01 1.22 1.58
C4 CFL A 4 -0.34 2.20 0.75
N4 CFL A 4 0.52 2.47 -0.19
C5 CFL A 4 -1.56 2.88 0.91
C6 CFL A 4 -2.38 2.48 1.91
F CFL A 4 -3.36 3.10 4.26
H5'1 CFL A 4 -6.90 0.26 3.24
H5'2 CFL A 4 -7.09 1.52 4.47
H4' CFL A 4 -5.28 -0.24 4.79
H3' CFL A 4 -5.26 2.55 5.45
H2' CFL A 4 -2.49 2.28 5.59
H1' CFL A 4 -2.46 0.21 4.46
HN41 CFL A 4 1.39 1.92 -0.27
HN42 CFL A 4 0.36 3.27 -0.78
H5 CFL A 4 -1.87 3.69 0.27
H6 CFL A 4 -3.36 2.94 2.07
HN3 CFL A 4 0.88 0.71 1.45
P CFL A 5 -4.37 1.73 8.00
O1P CFL A 5 -4.73 0.81 9.09
O2P CFL A 5 -5.09 3.03 7.86
O5' CFL A 5 -2.82 2.06 8.15
C5' CFL A 5 -2.43 3.26 8.76
C4' CFL A 5 -0.98 3.17 9.26
O4' CFL A 5 -0.14 3.28 8.12
C3' CFL A 5 -0.67 4.37 10.20
O3' CFL A 5 -0.82 4.15 11.63
C2' CFL A 5 0.70 4.82 9.67
C1' CFL A 5 1.08 3.84 8.56
N1 CFL A 5 1.71 4.46 7.35
C2 CFL A 5 2.89 3.93 6.86
O2 CFL A 5 3.46 2.94 7.33
N3 CFL A 5 3.46 4.54 5.78
C4 CFL A 5 2.91 5.59 5.17
N4 CFL A 5 3.54 6.11 4.17
C5 CFL A 5 1.69 6.13 5.63
C6 CFL A 5 1.12 5.53 6.70
F CFL A 5 0.59 5.82 9.25
H5'1 CFL A 5 -3.07 3.41 9.63
H5'2 CFL A 5 -2.55 4.10 8.08
H4' CFL A 5 -0.82 2.22 9.74
H3' CFL A 5 -1.36 5.17 9.94
H2' CFL A 5 1.48 4.83 10.43
H1' CFL A 5 1.71 3.04 8.98
HN41 CFL A 5 4.43 5.68 3.86
HN42 CFL A 5 3.16 6.92 3.71
H5 CFL A 5 1.21 6.96 5.16
H6 CFL A 5 0.17 5.92 7.06
HN3 CFL A 5 4.34 4.16 5.44
P CFL B 4 4.69 5.29 -5.11
O1P CFL B 4 5.56 4.82 -6.22
O2P CFL B 4 4.72 6.69 -4.70
O5' CFL B 4 3.17 4.87 -5.41
C5' CFL B 4 2.82 3.86 -6.34
C4' CFL B 4 3.25 2.44 -5.92
O4' CFL B 4 2.60 2.10 -4.70
C3' CFL B 4 2.80 1.44 -6.98
O3' CFL B 4 3.70 0.34 -7.06
C2' CFL B 4 1.42 1.03 -6.45
C1' CFL B 4 1.72 1.03 -4.96
N1 CFL B 4 0.53 1.21 -4.12
C2 CFL B 4 0.25 0.26 -3.15
O2 CFL B 4 0.94 -0.73 -2.96
N3 CFL B 4 -0.86 0.45 -2.38
C4 CFL B 4 -1.66 1.49 -2.52
N4 CFL B 4 -2.66 1.58 -1.70
C5 CFL B 4 -1.39 2.49 -3.49
C6 CFL B 4 -0.29 2.31 -4.26
F CFL B 4 0.70 1.82 -6.68
H5'1 CFL B 4 3.29 4.10 -7.29
H5'2 CFL B 4 1.74 3.87 -6.49
H4' CFL B 4 4.33 2.40 -5.80
H3' CFL B 4 2.68 1.91 -7.96
H2' CFL B 4 1.08 0.06 -6.80
H1' CFL B 4 2.25 0.09 -4.73
HN41 CFL B 4 -2.76 0.84 -0.98
HN42 CFL B 4 -3.31 2.33 -1.77
H5 CFL B 4 -2.02 3.36 -3.62
H6 CFL B 4 -0.03 3.05 -5.02
HN3 CFL B 4 -1.03 -0.26 -1.66
P CFL B 5 3.77 -0.62 -8.34
O1P CFL B 5 4.96 -1.49 -8.18
O2P CFL B 5 3.61 0.24 -9.53
O5' CFL B 5 2.46 -1.53 -8.19
C5' CFL B 5 1.61 -1.80 -9.30
C4' CFL B 5 0.79 -3.05 -9.00
O4' CFL B 5 -0.27 -2.76 -8.10
C3' CFL B 5 0.19 -3.71 -10.24
O3' CFL B 5 0.87 -4.94 -10.45
C2' CFL B 5 -1.29 -3.86 -9.89
C1' CFL B 5 -1.27 -3.71 -8.38
N1 CFL B 5 -2.55 -3.21 -7.79
C2 CFL B 5 -3.06 -3.86 -6.68
O2 CFL B 5 -2.56 -4.85 -6.16
N3 CFL B 5 -4.21 -3.37 -6.14
C4 CFL B 5 -4.81 -2.27 -6.61
N4 CFL B 5 -5.87 -1.87 -5.97
C5 CFL B 5 -4.31 -1.59 -7.73
C6 CFL B 5 -3.17 -2.08 -8.29
F CFL B 5 -1.83 -3.02 -10.33
H5'1 CFL B 5 2.23 -1.99 -10.18
H5'2 CFL B 5 0.95 -0.96 -9.50
H4' CFL B 5 1.45 -3.78 -8.54
H3' CFL B 5 0.29 -3.06 -11.11
H2' CFL B 5 -1.71 -4.81 -10.20
H1' CFL B 5 -0.98 -4.68 -7.95
HN41 CFL B 5 -6.20 -2.40 -5.15
HN42 CFL B 5 -6.36 -1.05 -6.27
H5 CFL B 5 -4.77 -0.71 -8.14
H6 CFL B 5 -2.72 -1.58 -9.14
HN3 CFL B 5 -4.58 -3.84 -5.31
P CFL C 4 6.16 -4.44 -4.55
O1P CFL C 4 7.27 -3.61 -5.08
O2P CFL C 4 6.11 -5.89 -4.82
O5' CFL C 4 5.95 -4.19 -2.97
C5' CFL C 4 6.80 -3.34 -2.22
C4' CFL C 4 6.50 -1.85 -2.41
O4' CFL C 4 5.13 -1.61 -2.04
C3' CFL C 4 7.42 -0.98 -1.52
O3' CFL C 4 8.31 -0.11 -2.23
C2' CFL C 4 6.47 -0.35 -0.50
C1' CFL C 4 5.05 -0.57 -1.08
N1 CFL C 4 4.05 -1.01 -0.06
C2 CFL C 4 3.00 -0.16 0.30
O2 CFL C 4 2.72 0.88 -0.30
N3 CFL C 4 2.20 -0.48 1.35
C4 CFL C 4 2.40 -1.64 1.97
N4 CFL C 4 1.61 -1.90 2.98
C5 CFL C 4 3.39 -2.58 1.60
C6 CFL C 4 4.19 -2.23 0.56
F CFL C 4 6.64 -1.02 0.70
H5'1 CFL C 4 7.84 -3.53 -2.50
H5'2 CFL C 4 6.69 -3.58 -1.16
H4' CFL C 4 6.63 -1.58 -3.46
H3' CFL C 4 8.05 -1.66 -0.95
H2' CFL C 4 6.65 0.71 -0.32
H1' CFL C 4 4.74 0.35 -1.59
HN41 CFL C 4 0.83 -1.25 3.16
HN42 CFL C 4 1.66 -2.79 3.46
H5 CFL C 4 3.53 -3.52 2.10
H6 CFL C 4 4.98 -2.89 0.24
P CFL C 5 7.86 1.23 -3.04
O1P CFL C 5 6.48 1.03 -3.54
O2P CFL C 5 8.91 1.65 -3.99
O5' CFL C 5 7.82 2.31 -1.85
C5' CFL C 5 9.00 2.65 -1.14
C4' CFL C 5 8.68 3.66 -0.04
O4' CFL C 5 7.86 3.06 0.94
C3' CFL C 5 9.89 4.21 0.70
O3' CFL C 5 10.26 5.47 0.13
C2' CFL C 5 9.42 4.34 2.15
C1' CFL C 5 7.94 3.91 2.06
N1 CFL C 5 7.40 3.22 3.26
C2 CFL C 5 6.33 3.79 3.94
O2 CFL C 5 5.82 4.86 3.58
N3 CFL C 5 5.80 3.20 5.04
C4 CFL C 5 6.32 2.05 5.44
N4 CFL C 5 5.75 1.52 6.49
C5 CFL C 5 7.41 1.41 4.79
C6 CFL C 5 7.91 2.01 3.68
F CFL C 5 10.17 3.50 2.96
H5'1 CFL C 5 9.73 3.09 -1.83
H5'2 CFL C 5 9.43 1.76 -0.68
H4' CFL C 5 8.14 4.50 -0.48
H3' CFL C 5 10.72 3.49 0.64
H2' CFL C 5 9.48 5.36 2.52
H1' CFL C 5 7.37 4.82 1.86
HN41 CFL C 5 4.92 2.00 6.85
HN42 CFL C 5 6.08 0.64 6.85
H5 CFL C 5 7.82 0.46 5.10
H6 CFL C 5 8.71 1.56 3.11
P CFL D 4 -1.88 -3.87 7.23
O1P CFL D 4 -2.90 -4.60 8.02
O2P CFL D 4 -0.71 -4.59 6.69
O5' CFL D 4 -2.61 -3.12 6.02
C5' CFL D 4 -3.44 -3.83 5.11
C4' CFL D 4 -4.08 -2.83 4.15
O4' CFL D 4 -3.05 -2.17 3.40
C3' CFL D 4 -5.03 -3.46 3.13
O3' CFL D 4 -6.24 -2.72 2.94
C2' CFL D 4 -4.24 -3.52 1.84
C1' CFL D 4 -3.35 -2.28 2.03
N1 CFL D 4 -2.05 -2.36 1.30
C2 CFL D 4 -1.79 -1.46 0.27
O2 CFL D 4 -2.54 -0.52 -0.01
N3 CFL D 4 -0.68 -1.60 -0.49
C4 CFL D 4 0.17 -2.58 -0.22
N4 CFL D 4 1.20 -2.67 -1.01
C5 CFL D 4 -0.02 -3.50 0.86
C6 CFL D 4 -1.13 -3.33 1.62
F CFL D 4 -3.52 -4.69 1.75
H5'1 CFL D 4 -4.23 -4.35 5.66
H5'2 CFL D 4 -2.85 -4.55 4.55
H4' CFL D 4 -4.62 -2.10 4.74
H3' CFL D 4 -5.26 -4.48 3.43
H2' CFL D 4 -4.89 -3.42 0.96
H1' CFL D 4 -3.92 -1.41 1.69
HN41 CFL D 4 1.26 -1.96 -1.74
HN42 CFL D 4 1.89 -3.39 -0.87
H5 CFL D 4 0.70 -4.27 1.10
H6 CFL D 4 -1.31 -3.98 2.47
P CFL D 5 -7.61 -3.28 3.57
O1P CFL D 5 -8.72 -2.39 3.17
O2P CFL D 5 -7.36 -3.61 4.99
O5' CFL D 5 -7.71 -4.67 2.75
C5' CFL D 5 -8.72 -4.93 1.80
C4' CFL D 5 -8.68 -4.03 0.55
O4' CFL D 5 -7.45 -4.11 -0.15
C3' CFL D 5 -9.79 -4.45 -0.42
O3' CFL D 5 -10.55 -3.30 -0.80
C2' CFL D 5 -9.05 -5.09 -1.58
C1' CFL D 5 -7.74 -4.30 -1.53
N1 CFL D 5 -6.57 -4.95 -2.17
C2 CFL D 5 -6.05 -4.42 -3.36
O2 CFL D 5 -6.56 -3.45 -3.92
N3 CFL D 5 -4.95 -4.95 -3.93
C4 CFL D 5 -4.36 -5.98 -3.34
N4 CFL D 5 -3.28 -6.42 -3.93
C5 CFL D 5 -4.85 -6.58 -2.14
C6 CFL D 5 -5.95 -6.03 -1.58
F CFL D 5 -8.80 -6.44 -1.34
H5'1 CFL D 5 -9.69 -4.80 2.29
H5'2 CFL D 5 -8.63 -5.96 1.47
H4' CFL D 5 -8.85 -2.99 0.84
H3' CFL D 5 -10.44 -5.20 0.05
H2' CFL D 5 -9.57 -4.97 -2.52
H1' CFL D 5 -7.94 -3.35 -2.05
HN41 CFL D 5 -2.96 -5.90 -4.74
HN42 CFL D 5 -2.77 -7.19 -3.55
H5 CFL D 5 -4.37 -7.42 -1.66
H6 CFL D 5 -6.36 -6.42 -0.65
P CFL A 4 -8.05 2.66 1.70
O1P CFL A 4 -8.98 3.26 2.69
O2P CFL A 4 -7.40 3.51 0.67
O5' CFL A 4 -6.88 1.91 2.49
C5' CFL A 4 -6.21 2.48 3.57
C4' CFL A 4 -5.14 1.50 4.03
O4' CFL A 4 -4.16 1.29 3.01
C3' CFL A 4 -4.43 2.04 5.28
O3' CFL A 4 -4.32 1.02 6.26
C2' CFL A 4 -3.07 2.47 4.72
C1' CFL A 4 -2.90 1.42 3.62
N1 CFL A 4 -1.94 1.84 2.55
C2 CFL A 4 -0.80 1.08 2.35
O2 CFL A 4 -0.48 0.12 3.04
N3 CFL A 4 0.02 1.43 1.31
C4 CFL A 4 -0.23 2.47 0.52
N4 CFL A 4 0.62 2.71 -0.43
C5 CFL A 4 -1.39 3.27 0.72
C6 CFL A 4 -2.22 2.91 1.74
F CFL A 4 -3.16 3.46 4.26
H5'1 CFL A 4 -6.93 2.65 4.38
H5'2 CFL A 4 -5.76 3.43 3.27
H4' CFL A 4 -5.63 0.55 4.28
H3' CFL A 4 -4.95 2.91 5.67
H2' CFL A 4 -2.27 2.44 5.45
H1' CFL A 4 -2.60 0.48 4.09
HN41 CFL A 4 1.47 2.12 -0.49
HN42 CFL A 4 0.53 3.53 -0.99
H5 CFL A 4 -1.64 4.11 0.10
H6 CFL A 4 -3.14 3.47 1.92
HN3 CFL A 4 0.85 0.87 1.18
P CFL A 5 -4.28 1.38 7.83
O1P CFL A 5 -4.53 0.16 8.62
O2P CFL A 5 -5.12 2.58 8.03
O5' CFL A 5 -2.75 1.81 8.03
C5' CFL A 5 -2.43 3.07 8.57
C4' CFL A 5 -0.97 3.08 9.04
O4' CFL A 5 -0.14 3.27 7.89
C3' CFL A 5 -0.72 4.28 9.97
O3' CFL A 5 -0.85 4.05 11.38
C2' CFL A 5 0.65 4.81 9.47
C1' CFL A 5 1.06 3.85 8.34
N1 CFL A 5 1.73 4.50 7.17
C2 CFL A 5 2.92 3.95 6.68
O2 CFL A 5 3.44 2.94 7.12
N3 CFL A 5 3.52 4.60 5.64
C4 CFL A 5 3.00 5.69 5.06
N4 CFL A 5 3.66 6.22 4.08
C5 CFL A 5 1.78 6.22 5.52
C6 CFL A 5 1.17 5.60 6.56
F CFL A 5 0.47 5.80 9.05
H5'1 CFL A 5 -3.07 3.26 9.44
H5'2 CFL A 5 -2.60 3.86 7.83
H4' CFL A 5 -0.73 2.14 9.51
H3' CFL A 5 -1.43 5.05 9.74
H2' CFL A 5 1.41 4.87 10.24
H1' CFL A 5 1.69 3.07 8.78
HN41 CFL A 5 4.54 5.78 3.77
HN42 CFL A 5 3.30 7.05 3.64
H5 CFL A 5 1.31 7.08 5.06
H6 CFL A 5 0.22 5.98 6.92
HN3 CFL A 5 4.40 4.22 5.31
P CFL B 4 4.30 5.60 -5.03
O1P CFL B 4 4.98 5.21 -6.28
O2P CFL B 4 4.35 7.00 -4.54
O5' CFL B 4 2.74 5.17 -5.11
C5' CFL B 4 2.30 4.14 -5.97
C4' CFL B 4 2.79 2.73 -5.56
O4' CFL B 4 2.19 2.36 -4.31
C3' CFL B 4 2.31 1.72 -6.60
O3' CFL B 4 3.20 0.61 -6.75
C2' CFL B 4 0.97 1.31 -6.03
C1' CFL B 4 1.30 1.29 -4.55
N1 CFL B 4 0.10 1.46 -3.70
C2 CFL B 4 -0.22 0.46 -2.78
O2 CFL B 4 0.46 -0.54 -2.61
N3 CFL B 4 -1.36 0.63 -2.05
C4 CFL B 4 -2.17 1.68 -2.20
N4 CFL B 4 -3.20 1.74 -1.42
C5 CFL B 4 -1.84 2.72 -3.11
C6 CFL B 4 -0.71 2.56 -3.84
F CFL B 4 0.23 2.09 -6.23
H5'1 CFL B 4 2.65 4.35 -6.98
H5'2 CFL B 4 1.21 4.14 -5.99
H4' CFL B 4 3.87 2.72 -5.49
H3' CFL B 4 2.17 2.20 -7.57
H2' CFL B 4 0.60 0.34 -6.36
H1' CFL B 4 1.82 0.34 -4.34
HN41 CFL B 4 -3.35 0.99 -0.73
HN42 CFL B 4 -3.87 2.49 -1.51
H5 CFL B 4 -2.46 3.59 -3.24
H6 CFL B 4 -0.42 3.33 -4.56
HN3 CFL B 4 -1.57 -0.09 -1.37
P CFL B 5 3.28 -0.21 -8.13
O1P CFL B 5 3.96 -1.49 -7.85
O2P CFL B 5 3.79 0.72 -9.17
O5' CFL B 5 1.71 -0.45 -8.38
C5' CFL B 5 1.20 -1.35 -9.36
C4' CFL B 5 0.82 -2.67 -8.70
O4' CFL B 5 -0.30 -2.50 -7.83
C3' CFL B 5 0.41 -3.73 -9.72
O3' CFL B 5 1.12 -4.93 -9.41
C2' CFL B 5 -1.10 -3.87 -9.53
C1' CFL B 5 -1.19 -3.57 -8.03
N1 CFL B 5 -2.54 -3.14 -7.58
C2 CFL B 5 -3.12 -3.79 -6.49
O2 CFL B 5 -2.63 -4.76 -5.94
N3 CFL B 5 -4.31 -3.31 -6.02
C4 CFL B 5 -4.89 -2.22 -6.54
N4 CFL B 5 -6.00 -1.84 -5.98
C5 CFL B 5 -4.33 -1.55 -7.65
C6 CFL B 5 -3.16 -2.04 -8.14
F CFL B 5 -1.61 -3.08 -10.09
H5'1 CFL B 5 1.94 -1.52 -10.14
H5'2 CFL B 5 0.30 -0.91 -9.80
H4' CFL B 5 1.67 -3.03 -8.15
H3' CFL B 5 0.62 -3.41 -10.75
H2' CFL B 5 -1.49 -4.86 -9.78
H1' CFL B 5 -0.84 -4.46 -7.49
HN41 CFL B 5 -6.36 -2.37 -5.17
HN42 CFL B 5 -6.49 -1.03 -6.32
H5 CFL B 5 -4.78 -0.69 -8.10
H6 CFL B 5 -2.67 -1.56 -8.98
HN3 CFL B 5 -4.71 -3.77 -5.22
P CFL C 4 5.96 -4.14 -4.60
O1P CFL C 4 6.97 -3.28 -5.23
O2P CFL C 4 5.85 -5.56 -5.00
O5' CFL C 4 6.05 -4.04 -2.99
C5' CFL C 4 6.91 -3.12 -2.33
C4' CFL C 4 6.53 -1.64 -2.51
O4' CFL C 4 5.18 -1.44 -2.11
C3' CFL C 4 7.45 -0.72 -1.68
O3' CFL C 4 8.27 0.15 -2.50
C2' CFL C 4 6.51 -0.10 -0.64
C1' CFL C 4 5.08 -0.37 -1.19
N1 CFL C 4 4.09 -0.79 -0.16
C2 CFL C 4 3.01 0.03 0.17
O2 CFL C 4 2.74 1.07 -0.44
N3 CFL C 4 2.19 -0.30 1.21
C4 CFL C 4 2.37 -1.46 1.84
N4 CFL C 4 1.55 -1.72 2.82
C5 CFL C 4 3.38 -2.38 1.47
C6 CFL C 4 4.21 -2.01 0.47
F CFL C 4 6.69 -0.78 0.55
H5'1 CFL C 4 7.93 -3.27 -2.70
H5'2 CFL C 4 6.89 -3.35 -1.27
H4' CFL C 4 6.62 -1.38 -3.56
H3' CFL C 4 8.12 -1.36 -1.12
H2' CFL C 4 6.66 0.96 -0.47
H1' CFL C 4 4.75 0.54 -1.72
HN41 CFL C 4 0.76 -1.10 2.97
HN42 CFL C 4 1.62 -2.61 3.30
H5 CFL C 4 3.53 -3.32 1.97
H6 CFL C 4 5.03 -2.66 0.15
P CFL C 5 7.74 1.48 -3.26
O1P CFL C 5 6.33 1.25 -3.62
O2P CFL C 5 8.66 1.92 -4.34
O5' CFL C 5 7.81 2.54 -2.05
C5' CFL C 5 9.02 2.81 -1.34
C4' CFL C 5 8.74 3.78 -0.18
O4' CFL C 5 7.92 3.17 0.80
C3' CFL C 5 9.99 4.26 0.57
O3' CFL C 5 10.40 5.51 0.04
C2' CFL C 5 9.51 4.37 2.03
C1' CFL C 5 8.03 3.98 1.95
N1 CFL C 5 7.46 3.27 3.13
C2 CFL C 5 6.39 3.84 3.82
O2 CFL C 5 5.90 4.92 3.49
N3 CFL C 5 5.85 3.23 4.92
C4 CFL C 5 6.35 2.06 5.30
N4 CFL C 5 5.73 1.49 6.31
C5 CFL C 5 7.43 1.41 4.63
C6 CFL C 5 7.95 2.04 3.54
F CFL C 5 10.24 3.52 2.84
H5'1 CFL C 5 9.76 3.26 -2.00
H5'2 CFL C 5 9.42 1.89 -0.92
H4' CFL C 5 8.23 4.66 -0.58
H3' CFL C 5 10.79 3.51 0.51
H2' CFL C 5 9.59 5.38 2.41
H1' CFL C 5 7.46 4.90 1.78
HN41 CFL C 5 4.92 1.99 6.69
HN42 CFL C 5 6.05 0.61 6.67
H5 CFL C 5 7.82 0.46 4.93
H6 CFL C 5 8.76 1.59 2.98
P CFL D 4 -1.98 -4.01 6.83
O1P CFL D 4 -2.89 -4.85 7.64
O2P CFL D 4 -0.72 -4.59 6.28
O5' CFL D 4 -2.82 -3.42 5.59
C5' CFL D 4 -4.10 -2.83 5.81
C4' CFL D 4 -4.71 -2.16 4.57
O4' CFL D 4 -3.68 -1.61 3.73
C3' CFL D 4 -5.56 -3.06 3.67
O3' CFL D 4 -6.84 -2.49 3.40
C2' CFL D 4 -4.80 -3.23 2.38
C1' CFL D 4 -3.95 -1.96 2.39
N1 CFL D 4 -2.65 -2.09 1.67
C2 CFL D 4 -2.41 -1.27 0.57
O2 CFL D 4 -3.17 -0.37 0.22
N3 CFL D 4 -1.28 -1.42 -0.17
C4 CFL D 4 -0.41 -2.35 0.18
N4 CFL D 4 0.64 -2.46 -0.60
C5 CFL D 4 -0.59 -3.20 1.31
C6 CFL D 4 -1.70 -3.01 2.05
F CFL D 4 -4.03 -4.39 2.41
H5'1 CFL D 4 -4.00 -2.05 6.59
H5'2 CFL D 4 -4.78 -3.60 6.18
H4' CFL D 4 -5.33 -1.35 4.92
H3' CFL D 4 -5.68 -4.04 4.15
H2' CFL D 4 -5.45 -3.26 1.51
H1' CFL D 4 -4.55 -1.17 1.94
HN41 CFL D 4 0.71 -1.78 -1.35
HN42 CFL D 4 1.37 -3.11 -0.39
H5 CFL D 4 0.14 -3.95 1.61
H6 CFL D 4 -1.88 -3.59 2.95
P CFL D 5 -8.18 -3.35 3.66
O1P CFL D 5 -9.35 -2.60 3.18
O2P CFL D 5 -8.14 -3.86 5.05
O5' CFL D 5 -7.91 -4.61 2.68
C5' CFL D 5 -8.85 -5.01 1.69
C4' CFL D 5 -8.91 -4.06 0.49
O4' CFL D 5 -7.69 -4.05 -0.23
C3' CFL D 5 -9.99 -4.52 -0.49
O3' CFL D 5 -10.81 -3.42 -0.89
C2' CFL D 5 -9.23 -5.15 -1.64
C1' CFL D 5 -7.96 -4.30 -1.61
N1 CFL D 5 -6.75 -4.94 -2.18
C2 CFL D 5 -6.19 -4.41 -3.35
O2 CFL D 5 -6.68 -3.45 -3.95
N3 CFL D 5 -5.03 -4.92 -3.85
C4 CFL D 5 -4.45 -5.92 -3.22
N4 CFL D 5 -3.33 -6.34 -3.75
C5 CFL D 5 -4.97 -6.51 -2.03
C6 CFL D 5 -6.13 -5.98 -1.54
F CFL D 5 -8.94 -6.48 -1.38
H5'1 CFL D 5 -9.84 -5.06 2.15
H5'2 CFL D 5 -8.58 -6.00 1.34
H4' CFL D 5 -9.14 -3.05 0.82
H3' CFL D 5 -10.59 -5.30 -0.02
H2' CFL D 5 -9.75 -5.05 -2.60
H1' CFL D 5 -8.18 -3.38 -2.16
HN41 CFL D 5 -3.00 -5.82 -4.55
HN42 CFL D 5 -2.80 -7.07 -3.32
H5 CFL D 5 -4.49 -7.32 -1.52
H6 CFL D 5 -6.55 -6.37 -0.62
P CFL A 4 -8.03 2.28 1.97
O1P CFL A 4 -8.52 2.37 3.37
O2P CFL A 4 -8.65 3.11 0.91
O5' CFL A 4 -6.46 2.61 1.93
C5' CFL A 4 -5.74 3.01 3.08
C4' CFL A 4 -5.03 1.82 3.71
O4' CFL A 4 -4.03 1.35 2.82
C3' CFL A 4 -4.33 2.29 4.99
O3' CFL A 4 -4.31 1.23 5.95
C2' CFL A 4 -2.94 2.61 4.49
C1' CFL A 4 -2.78 1.53 3.43
N1 CFL A 4 -1.79 1.89 2.39
C2 CFL A 4 -0.67 1.11 2.27
O2 CFL A 4 -0.39 0.18 3.01
N3 CFL A 4 0.18 1.40 1.25
C4 CFL A 4 -0.01 2.44 0.42
N4 CFL A 4 0.89 2.62 -0.50
C5 CFL A 4 -1.13 3.28 0.58
C6 CFL A 4 -2.01 2.98 1.57
F CFL A 4 -2.94 3.60 4.02
H5'1 CFL A 4 -6.39 3.49 3.81
H5'2 CFL A 4 -4.99 3.73 2.74
H4' CFL A 4 -5.74 1.03 3.94
H3' CFL A 4 -4.79 3.18 5.39
H2' CFL A 4 -2.16 2.55 5.26
H1' CFL A 4 -2.50 0.60 3.95
HN41 CFL A 4 1.70 1.99 -0.55
HN42 CFL A 4 0.84 3.43 -1.09
H5 CFL A 4 -1.30 4.15 -0.05
H6 CFL A 4 -2.90 3.57 1.73
HN3 CFL A 4 1.00 0.81 1.15
P CFL A 5 -4.34 1.53 7.53
O1P CFL A 5 -4.60 0.26 8.23
O2P CFL A 5 -5.21 2.70 7.73
O5' CFL A 5 -2.83 1.96 7.85
C5' CFL A 5 -2.54 3.29 8.26
C4' CFL A 5 -1.12 3.36 8.83
O4' CFL A 5 -0.23 3.49 7.73
C3' CFL A 5 -0.93 4.63 9.67
O3' CFL A 5 -1.17 4.53 11.08
C2' CFL A 5 0.46 5.11 9.28
C1' CFL A 5 0.93 4.09 8.24
N1 CFL A 5 1.68 4.67 7.09
C2 CFL A 5 2.86 4.05 6.70
O2 CFL A 5 3.32 3.05 7.23
N3 CFL A 5 3.55 4.62 5.68
C4 CFL A 5 3.10 5.70 5.01
N4 CFL A 5 3.81 6.14 4.03
C5 CFL A 5 1.88 6.31 5.38
C6 CFL A 5 1.20 5.77 6.41
F CFL A 5 0.37 6.10 8.81
H5'1 CFL A 5 -3.23 3.57 9.07
H5'2 CFL A 5 -2.65 3.98 7.42
H4' CFL A 5 -0.89 2.46 9.37
H3' CFL A 5 -1.64 5.37 9.32
H2' CFL A 5 1.18 5.15 10.09
H1' CFL A 5 1.52 3.33 8.76
HN41 CFL A 5 4.68 5.67 3.78
HN42 CFL A 5 3.50 6.95 3.52
H5 CFL A 5 1.48 7.16 4.87
H6 CFL A 5 0.25 6.20 6.69
HN3 CFL A 5 4.42 4.19 5.41
P CFL B 4 4.80 5.35 -4.99
O1P CFL B 4 5.51 4.99 -6.24
O2P CFL B 4 4.85 6.73 -4.47
O5' CFL B 4 3.26 4.94 -5.12
C5' CFL B 4 2.81 4.01 -6.09
C4' CFL B 4 3.22 2.56 -5.76
O4' CFL B 4 2.58 2.17 -4.55
C3' CFL B 4 2.72 1.63 -6.88
O3' CFL B 4 3.60 0.52 -7.02
C2' CFL B 4 1.36 1.23 -6.35
C1' CFL B 4 1.67 1.15 -4.86
N1 CFL B 4 0.49 1.33 -4.01
C2 CFL B 4 0.20 0.34 -3.07
O2 CFL B 4 0.89 -0.65 -2.89
N3 CFL B 4 -0.92 0.52 -2.32
C4 CFL B 4 -1.72 1.57 -2.45
N4 CFL B 4 -2.72 1.66 -1.62
C5 CFL B 4 -1.43 2.60 -3.38
C6 CFL B 4 -0.32 2.44 -4.13
F CFL B 4 0.64 2.04 -6.54
H5'1 CFL B 4 3.22 4.27 -7.06
H5'2 CFL B 4 1.73 4.06 -6.14
H4' CFL B 4 4.31 2.48 -5.66
H3' CFL B 4 2.60 2.17 -7.82
H2' CFL B 4 0.98 0.29 -6.73
H1' CFL B 4 2.16 0.19 -4.69
HN41 CFL B 4 -2.86 0.92 -0.93
HN42 CFL B 4 -3.34 2.44 -1.67
H5 CFL B 4 -2.05 3.47 -3.49
H6 CFL B 4 -0.05 3.19 -4.87
HN3 CFL B 4 -1.11 -0.21 -1.64
P CFL B 5 3.64 -0.34 -8.38
O1P CFL B 5 4.81 -1.25 -8.28
O2P CFL B 5 3.49 0.60 -9.51
O5' CFL B 5 2.33 -1.21 -8.23
C5' CFL B 5 1.43 -1.36 -9.32
C4' CFL B 5 0.60 -2.61 -9.06
O4' CFL B 5 -0.43 -2.37 -8.11
C3' CFL B 5 -0.06 -3.11 -10.33
O3' CFL B 5 0.57 -4.33 -10.66
C2' CFL B 5 -1.53 -3.28 -9.98
C1' CFL B 5 -1.45 -3.28 -8.46
N1 CFL B 5 -2.70 -2.84 -7.81
C2 CFL B 5 -3.16 -3.59 -6.75
O2 CFL B 5 -2.58 -4.58 -6.31
N3 CFL B 5 -4.33 -3.21 -6.17
C4 CFL B 5 -5.00 -2.12 -6.57
N4 CFL B 5 -6.06 -1.81 -5.89
C5 CFL B 5 -4.52 -1.32 -7.63
C6 CFL B 5 -3.36 -1.71 -8.22
F CFL B 5 -2.07 -2.40 -10.34
H5'1 CFL B 5 1.98 -1.50 -10.24
H5'2 CFL B 5 0.77 -0.50 -9.41
H4' CFL B 5 1.25 -3.39 -8.71
H3' CFL B 5 0.01 -2.39 -11.14
H2' CFL B 5 -1.98 -4.21 -10.33
H1' CFL B 5 -1.16 -4.29 -8.15
HN41 CFL B 5 -6.32 -2.39 -5.08
HN42 CFL B 5 -6.58 -0.99 -6.13
H5 CFL B 5 -5.02 -0.43 -7.97
H6 CFL B 5 -2.94 -1.12 -9.04
HN3 CFL B 5 -4.65 -3.76 -5.39
P CFL C 4 6.11 -4.26 -4.88
O1P CFL C 4 7.24 -3.40 -5.34
O2P CFL C 4 6.01 -5.65 -5.34
O5' CFL C 4 5.98 -4.22 -3.28
C5' CFL C 4 6.85 -3.45 -2.47
C4' CFL C 4 6.51 -1.96 -2.48
O4' CFL C 4 5.18 -1.81 -2.03
C3' CFL C 4 7.45 -1.21 -1.51
O3' CFL C 4 8.45 -0.40 -2.13
C2' CFL C 4 6.52 -0.52 -0.52
C1' CFL C 4 5.12 -0.73 -1.12
N1 CFL C 4 4.10 -1.10 -0.09
C2 CFL C 4 3.09 -0.19 0.22
O2 CFL C 4 2.92 0.86 -0.41
N3 CFL C 4 2.24 -0.46 1.24
C4 CFL C 4 2.36 -1.60 1.90
N4 CFL C 4 1.52 -1.79 2.87
C5 CFL C 4 3.33 -2.59 1.58
C6 CFL C 4 4.18 -2.30 0.57
F CFL C 4 6.69 -1.15 0.70
H5'1 CFL C 4 7.88 -3.58 -2.79
H5'2 CFL C 4 6.75 -3.81 -1.45
H4' CFL C 4 6.60 -1.56 -3.49
H3' CFL C 4 8.01 -1.95 -0.95
H2' CFL C 4 6.70 0.54 -0.40
H1' CFL C 4 4.84 0.19 -1.66
HN41 CFL C 4 0.77 -1.11 2.98
HN42 CFL C 4 1.54 -2.66 3.40
H5 CFL C 4 3.41 -3.53 2.11
H6 CFL C 4 4.96 -3.01 0.29
P CFL C 5 8.15 0.98 -2.90
O1P CFL C 5 6.82 0.90 -3.52
O2P CFL C 5 9.34 1.30 -3.72
O5' CFL C 5 8.10 2.04 -1.70
C5' CFL C 5 9.24 2.30 -0.91
C4' CFL C 5 8.93 3.32 0.17
O4' CFL C 5 8.03 2.77 1.11
C3' CFL C 5 10.16 3.74 0.98
O3' CFL C 5 10.69 4.95 0.44
C2' CFL C 5 9.62 3.93 2.39
C1' CFL C 5 8.13 3.62 2.22
N1 CFL C 5 7.48 2.99 3.40
C2 CFL C 5 6.43 3.66 4.02
O2 CFL C 5 6.03 4.74 3.62
N3 CFL C 5 5.81 3.12 5.10
C4 CFL C 5 6.24 1.95 5.55
N4 CFL C 5 5.58 1.48 6.56
C5 CFL C 5 7.31 1.22 4.96
C6 CFL C 5 7.90 1.76 3.86
F CFL C 5 10.29 3.08 3.26
H5'1 CFL C 5 10.04 2.70 -1.54
H5'2 CFL C 5 9.58 1.38 -0.43
H4' CFL C 5 8.49 4.22 -0.27
H3' CFL C 5 10.89 2.94 0.98
H2' CFL C 5 9.72 4.95 2.74
H1' CFL C 5 7.63 4.56 1.99
HN41 CFL C 5 4.76 2.02 6.87
HN42 CFL C 5 5.82 0.60 6.96
H5 CFL C 5 7.65 0.25 5.32
H6 CFL C 5 8.69 1.24 3.34
P CFL D 4 -2.24 -3.54 7.23
O1P CFL D 4 -3.38 -4.04 8.03
O2P CFL D 4 -1.05 -4.40 7.02
O5' CFL D 4 -2.79 -3.13 5.77
C5' CFL D 4 -3.90 -2.26 5.65
C4' CFL D 4 -4.30 -2.06 4.19
O4' CFL D 4 -3.16 -1.72 3.44
C3' CFL D 4 -4.86 -3.34 3.56
O3' CFL D 4 -6.28 -3.34 3.57
C2' CFL D 4 -4.36 -3.32 2.13
C1' CFL D 4 -3.46 -2.08 2.11
N1 CFL D 4 -2.20 -2.25 1.37
C2 CFL D 4 -1.93 -1.38 0.31
O2 CFL D 4 -2.66 -0.43 0.03
N3 CFL D 4 -0.83 -1.55 -0.45
C4 CFL D 4 0.00 -2.55 -0.17
N4 CFL D 4 1.03 -2.66 -0.96
C5 CFL D 4 -0.21 -3.45 0.91
C6 CFL D 4 -1.30 -3.25 1.68
F CFL D 4 -3.75 -4.52 1.83
H5'1 CFL D 4 -3.66 -1.30 6.08
H5'2 CFL D 4 -4.76 -2.69 6.19
H4' CFL D 4 -5.04 -1.26 4.12
H3' CFL D 4 -4.44 -4.21 4.08
H2' CFL D 4 -5.18 -3.15 1.42
H1' CFL D 4 -4.04 -1.26 1.69
HN41 CFL D 4 1.14 -1.95 -1.67
HN42 CFL D 4 1.69 -3.41 -0.81
H5 CFL D 4 0.48 -4.25 1.15
H6 CFL D 4 -1.50 -3.88 2.54
P CFL D 5 -7.10 -4.69 3.81
O1P CFL D 5 -8.55 -4.36 3.81
O2P CFL D 5 -6.49 -5.40 4.96
O5' CFL D 5 -6.77 -5.57 2.49
C5' CFL D 5 -7.79 -5.89 1.56
C4' CFL D 5 -8.15 -4.68 0.69
O4' CFL D 5 -7.07 -4.36 -0.16
C3' CFL D 5 -9.34 -5.03 -0.20
O3' CFL D 5 -10.17 -3.90 -0.39
C2' CFL D 5 -8.70 -5.50 -1.50
C1' CFL D 5 -7.47 -4.59 -1.51
N1 CFL D 5 -6.31 -5.13 -2.23
C2 CFL D 5 -5.90 -4.51 -3.40
O2 CFL D 5 -6.47 -3.52 -3.88
N3 CFL D 5 -4.80 -4.95 -4.05
C4 CFL D 5 -4.15 -5.99 -3.56
N4 CFL D 5 -3.08 -6.33 -4.22
C5 CFL D 5 -4.54 -6.69 -2.38
C6 CFL D 5 -5.63 -6.22 -1.73
F CFL D 5 -8.37 -6.84 -1.42
H5'1 CFL D 5 -8.68 -6.21 2.09
H5'2 CFL D 5 -7.46 -6.70 0.93
H4' CFL D 5 -8.40 -3.82 1.31
H3' CFL D 5 -9.90 -5.86 0.23
H2' CFL D 5 -9.32 -5.31 -2.36
H1' CFL D 5 -7.79 -3.64 -1.96
HN41 CFL D 5 -2.83 -5.74 -5.01
HN42 CFL D 5 -2.51 -7.10 -3.92
H5 CFL D 5 -4.00 -7.53 -1.98
H6 CFL D 5 -5.97 -6.68 -0.81
P CFL A 4 -7.96 2.26 2.08
O1P CFL A 4 -8.24 2.33 3.53
O2P CFL A 4 -8.82 2.96 1.12
O5' CFL A 4 -6.45 2.77 1.85
C5' CFL A 4 -5.59 3.07 2.93
C4' CFL A 4 -4.99 1.82 3.61
O4' CFL A 4 -3.99 1.27 2.74
C3' CFL A 4 -4.29 2.22 4.91
O3' CFL A 4 -4.29 1.15 5.85
C2' CFL A 4 -2.89 2.54 4.43
C1' CFL A 4 -2.74 1.46 3.37
N1 CFL A 4 -1.75 1.85 2.34
C2 CFL A 4 -0.61 1.08 2.21
O2 CFL A 4 -0.32 0.16 2.97
N3 CFL A 4 0.23 1.38 1.18
C4 CFL A 4 0.04 2.41 0.37
N4 CFL A 4 0.93 2.60 -0.56
C5 CFL A 4 -1.07 3.25 0.53
C6 CFL A 4 -1.95 2.94 1.52
F CFL A 4 -2.87 3.54 3.97
H5'1 CFL A 4 -6.15 3.64 3.68
H5'2 CFL A 4 -4.78 3.70 2.58
H4' CFL A 4 -5.77 1.09 3.80
H3' CFL A 4 -4.75 3.11 5.34
H2' CFL A 4 -2.12 2.45 5.20
H1' CFL A 4 -2.46 0.53 3.88
HN41 CFL A 4 1.74 1.97 -0.59
HN42 CFL A 4 0.87 3.40 -1.16
H5 CFL A 4 -1.26 4.12 -0.09
H6 CFL A 4 -2.83 3.55 1.68
HN3 CFL A 4 1.05 0.79 1.10
P CFL A 5 -4.31 1.44 7.43
O1P CFL A 5 -4.54 0.18 8.16
O2P CFL A 5 -5.18 2.61 7.64
O5' CFL A 5 -2.80 1.90 7.74
C5' CFL A 5 -2.54 3.22 8.21
C4' CFL A 5 -1.13 3.33 8.77
O4' CFL A 5 -0.24 3.45 7.68
C3' CFL A 5 -0.96 4.61 9.62
O3' CFL A 5 -1.19 4.52 11.03
C2' CFL A 5 0.42 5.10 9.20
C1' CFL A 5 0.92 4.06 8.18
N1 CFL A 5 1.65 4.65 7.02
C2 CFL A 5 2.85 4.06 6.64
O2 CFL A 5 3.33 3.07 7.20
N3 CFL A 5 3.52 4.63 5.60
C4 CFL A 5 3.06 5.70 4.94
N4 CFL A 5 3.78 6.17 3.98
C5 CFL A 5 1.83 6.28 5.28
C6 CFL A 5 1.14 5.72 6.31
F CFL A 5 0.30 6.07 8.70
H5'1 CFL A 5 -3.24 3.45 9.00
H5'2 CFL A 5 -2.68 3.93 7.39
H4' CFL A 5 -0.89 2.43 9.33
H3' CFL A 5 -1.68 5.34 9.25
H2' CFL A 5 1.13 5.19 10.00
H1' CFL A 5 1.52 3.33 8.71
HN41 CFL A 5 4.66 5.69 3.74
HN42 CFL A 5 3.48 6.98 3.48
H5 CFL A 5 1.41 7.12 4.76
H6 CFL A 5 0.18 6.12 6.57
HN3 CFL A 5 4.40 4.21 5.35
P CFL B 4 4.82 5.30 -5.04
O1P CFL B 4 5.45 4.91 -6.33
O2P CFL B 4 4.95 6.68 -4.53
O5' CFL B 4 3.25 4.95 -5.13
C5' CFL B 4 2.75 4.00 -6.05
C4' CFL B 4 3.19 2.56 -5.74
O4' CFL B 4 2.55 2.14 -4.52
C3' CFL B 4 2.70 1.61 -6.84
O3' CFL B 4 3.57 0.48 -6.96
C2' CFL B 4 1.32 1.23 -6.34
C1' CFL B 4 1.64 1.12 -4.85
N1 CFL B 4 0.44 1.28 -3.99
C2 CFL B 4 0.19 0.30 -3.05
O2 CFL B 4 0.90 -0.69 -2.88
N3 CFL B 4 -0.92 0.47 -2.27
C4 CFL B 4 -1.75 1.51 -2.41
N4 CFL B 4 -2.75 1.57 -1.57
C5 CFL B 4 -1.48 2.53 -3.33
C6 CFL B 4 -0.37 2.38 -4.11
F CFL B 4 0.62 2.05 -6.51
H5'1 CFL B 4 3.10 4.26 -7.05
H5'2 CFL B 4 1.67 4.06 -6.05
H4' CFL B 4 4.27 2.49 -5.64
H3' CFL B 4 2.61 2.14 -7.79
H2' CFL B 4 0.94 0.29 -6.74
H1' CFL B 4 2.13 0.15 -4.69
HN41 CFL B 4 -2.84 0.83 -0.88
HN42 CFL B 4 -3.39 2.33 -1.63
H5 CFL B 4 -2.09 3.40 -3.44
H6 CFL B 4 -0.11 3.14 -4.84
HN3 CFL B 4 -1.08 -0.25 -1.56
P CFL B 5 3.62 -0.39 -8.31
O1P CFL B 5 4.79 -1.28 -8.20
O2P CFL B 5 3.46 0.53 -9.46
O5' CFL B 5 2.30 -1.28 -8.21
C5' CFL B 5 1.42 -1.42 -9.32
C4' CFL B 5 0.56 -2.65 -9.10
O4' CFL B 5 -0.49 -2.40 -8.18
C3' CFL B 5 -0.06 -3.21 -10.39
O3' CFL B 5 0.60 -4.43 -10.68
C2' CFL B 5 -1.53 -3.33 -10.06
C1' CFL B 5 -1.50 -3.32 -8.54
N1 CFL B 5 -2.76 -2.89 -7.89
C2 CFL B 5 -3.20 -3.60 -6.79
O2 CFL B 5 -2.61 -4.58 -6.33
N3 CFL B 5 -4.35 -3.20 -6.19
C4 CFL B 5 -5.03 -2.12 -6.59
N4 CFL B 5 -6.08 -1.81 -5.90
C5 CFL B 5 -4.59 -1.36 -7.69
C6 CFL B 5 -3.45 -1.77 -8.31
F CFL B 5 -2.06 -2.45 -10.42
H5'1 CFL B 5 2.01 -1.57 -10.22
H5'2 CFL B 5 0.79 -0.54 -9.41
H4' CFL B 5 1.19 -3.44 -8.70
H3' CFL B 5 0.05 -2.50 -11.22
H2' CFL B 5 -2.00 -4.25 -10.43
H1' CFL B 5 -1.21 -4.33 -8.20
HN41 CFL B 5 -6.31 -2.38 -5.08
HN42 CFL B 5 -6.63 -1.00 -6.15
H5 CFL B 5 -5.11 -0.48 -8.05
H6 CFL B 5 -3.05 -1.20 -9.15
HN3 CFL B 5 -4.65 -3.72 -5.37
P CFL C 4 6.12 -4.24 -4.90
O1P CFL C 4 7.24 -3.38 -5.33
O2P CFL C 4 6.12 -5.63 -5.40
O5' CFL C 4 6.00 -4.27 -3.30
C5' CFL C 4 6.83 -3.50 -2.44
C4' CFL C 4 6.53 -1.99 -2.44
O4' CFL C 4 5.20 -1.80 -2.02
C3' CFL C 4 7.48 -1.25 -1.46
O3' CFL C 4 8.46 -0.42 -2.08
C2' CFL C 4 6.54 -0.57 -0.46
C1' CFL C 4 5.14 -0.75 -1.08
N1 CFL C 4 4.11 -1.13 -0.09
C2 CFL C 4 3.10 -0.23 0.24
O2 CFL C 4 2.92 0.83 -0.37
N3 CFL C 4 2.26 -0.50 1.27
C4 CFL C 4 2.37 -1.64 1.92
N4 CFL C 4 1.54 -1.84 2.91
C5 CFL C 4 3.33 -2.64 1.58
C6 CFL C 4 4.16 -2.34 0.56
F CFL C 4 6.67 -1.25 0.74
H5'1 CFL C 4 7.88 -3.65 -2.71
H5'2 CFL C 4 6.68 -3.87 -1.43
H4' CFL C 4 6.66 -1.61 -3.45
H3' CFL C 4 8.03 -2.00 -0.90
H2' CFL C 4 6.75 0.49 -0.29
H1' CFL C 4 4.89 0.19 -1.60
HN41 CFL C 4 0.80 -1.15 3.02
HN42 CFL C 4 1.53 -2.71 3.40
H5 CFL C 4 3.42 -3.58 2.10
H6 CFL C 4 4.93 -3.06 0.25
P CFL C 5 8.16 0.95 -2.87
O1P CFL C 5 6.81 0.82 -3.47
O2P CFL C 5 9.34 1.27 -3.71
O5' CFL C 5 8.10 2.00 -1.67
C5' CFL C 5 9.24 2.23 -0.85
C4' CFL C 5 8.95 3.29 0.20
O4' CFL C 5 8.03 2.77 1.14
C3' CFL C 5 10.18 3.65 1.04
O3' CFL C 5 10.83 4.79 0.48
C2' CFL C 5 9.59 3.95 2.42
C1' CFL C 5 8.10 3.62 2.24
N1 CFL C 5 7.45 2.99 3.42
C2 CFL C 5 6.40 3.66 4.04
O2 CFL C 5 5.99 4.74 3.62
N3 CFL C 5 5.78 3.13 5.12
C4 CFL C 5 6.21 1.96 5.59
N4 CFL C 5 5.54 1.50 6.61
C5 CFL C 5 7.29 1.23 5.00
C6 CFL C 5 7.87 1.77 3.90
F CFL C 5 10.23 3.19 3.38
H5'1 CFL C 5 10.06 2.57 -1.48
H5'2 CFL C 5 9.53 1.30 -0.35
H4' CFL C 5 8.56 4.19 -0.26
H3' CFL C 5 10.86 2.80 1.12
H2' CFL C 5 9.68 5.01 2.69
H1' CFL C 5 7.58 4.55 1.98
HN41 CFL C 5 4.73 2.03 6.91
HN42 CFL C 5 5.79 0.61 7.01
H5 CFL C 5 7.63 0.28 5.39
H6 CFL C 5 8.68 1.25 3.39
P CFL D 4 -2.13 -3.51 7.28
O1P CFL D 4 -3.25 -4.03 8.09
O2P CFL D 4 -0.91 -4.33 7.08
O5' CFL D 4 -2.68 -3.11 5.82
C5' CFL D 4 -3.81 -2.25 5.66
C4' CFL D 4 -4.21 -2.12 4.19
O4' CFL D 4 -3.07 -1.79 3.42
C3' CFL D 4 -4.73 -3.43 3.60
O3' CFL D 4 -6.16 -3.50 3.64
C2' CFL D 4 -4.25 -3.42 2.15
C1' CFL D 4 -3.35 -2.18 2.10
N1 CFL D 4 -2.07 -2.34 1.35
C2 CFL D 4 -1.80 -1.46 0.32
O2 CFL D 4 -2.53 -0.51 0.04
N3 CFL D 4 -0.70 -1.62 -0.45
C4 CFL D 4 0.13 -2.62 -0.18
N4 CFL D 4 1.15 -2.70 -0.99
C5 CFL D 4 -0.08 -3.54 0.88
C6 CFL D 4 -1.19 -3.36 1.64
F CFL D 4 -3.64 -4.61 1.84
H5'1 CFL D 4 -3.57 -1.27 6.05
H5'2 CFL D 4 -4.66 -2.65 6.22
H4' CFL D 4 -4.96 -1.33 4.08
H3' CFL D 4 -4.27 -4.26 4.14
H2' CFL D 4 -5.08 -3.26 1.46
H1' CFL D 4 -3.95 -1.38 1.65
HN41 CFL D 4 1.23 -1.98 -1.70
HN42 CFL D 4 1.84 -3.42 -0.86
H5 CFL D 4 0.60 -4.35 1.10
H6 CFL D 4 -1.39 -4.01 2.49
P CFL D 5 -6.92 -4.91 3.87
O1P CFL D 5 -8.38 -4.66 3.96
O2P CFL D 5 -6.22 -5.64 4.95
O5' CFL D 5 -6.64 -5.72 2.49
C5' CFL D 5 -7.68 -5.96 1.56
C4' CFL D 5 -8.04 -4.72 0.72
O4' CFL D 5 -6.97 -4.39 -0.16
C3' CFL D 5 -9.25 -5.01 -0.17
O3' CFL D 5 -10.07 -3.85 -0.31
C2' CFL D 5 -8.65 -5.46 -1.49
C1' CFL D 5 -7.40 -4.59 -1.50
N1 CFL D 5 -6.25 -5.15 -2.25
C2 CFL D 5 -5.83 -4.51 -3.42
O2 CFL D 5 -6.40 -3.54 -3.88
N3 CFL D 5 -4.72 -4.96 -4.07
C4 CFL D 5 -4.06 -5.99 -3.58
N4 CFL D 5 -2.99 -6.33 -4.25
C5 CFL D 5 -4.46 -6.70 -2.42
C6 CFL D 5 -5.55 -6.23 -1.76
F CFL D 5 -8.33 -6.81 -1.45
H5'1 CFL D 5 -8.57 -6.30 2.10
H5'2 CFL D 5 -7.36 -6.75 0.89
H4' CFL D 5 -8.26 -3.88 1.38
H3' CFL D 5 -9.84 -5.83 0.25
H2' CFL D 5 -9.28 -5.25 -2.34
H1' CFL D 5 -7.70 -3.63 -1.95
HN41 CFL D 5 -2.75 -5.74 -5.04
HN42 CFL D 5 -2.41 -7.10 -3.94
H5 CFL D 5 -3.92 -7.55 -2.03
H6 CFL D 5 -5.89 -6.70 -0.84
P CFL A 4 -8.20 2.27 2.01
O1P CFL A 4 -8.44 2.31 3.47
O2P CFL A 4 -9.03 3.05 1.09
O5' CFL A 4 -6.66 2.71 1.76
C5' CFL A 4 -5.81 3.11 2.81
C4' CFL A 4 -5.13 1.92 3.53
O4' CFL A 4 -4.09 1.39 2.69
C3' CFL A 4 -4.46 2.41 4.82
O3' CFL A 4 -4.46 1.40 5.83
C2' CFL A 4 -3.06 2.73 4.34
C1' CFL A 4 -2.85 1.61 3.32
N1 CFL A 4 -1.83 1.96 2.29
C2 CFL A 4 -0.69 1.17 2.20
O2 CFL A 4 -0.44 0.24 2.96
N3 CFL A 4 0.19 1.46 1.20
C4 CFL A 4 0.02 2.48 0.36
N4 CFL A 4 0.93 2.66 -0.55
C5 CFL A 4 -1.10 3.33 0.47
C6 CFL A 4 -2.01 3.03 1.45
F CFL A 4 -3.05 3.70 3.83
H5'1 CFL A 4 -6.37 3.68 3.54
H5'2 CFL A 4 -5.04 3.76 2.41
H4' CFL A 4 -5.87 1.16 3.76
H3' CFL A 4 -4.94 3.32 5.18
H2' CFL A 4 -2.31 2.71 5.13
H1' CFL A 4 -2.57 0.71 3.88
HN41 CFL A 4 1.75 2.03 -0.57
HN42 CFL A 4 0.90 3.46 -1.15
H5 CFL A 4 -1.26 4.17 -0.16
H6 CFL A 4 -2.90 3.65 1.58
HN3 CFL A 4 1.01 0.87 1.13
P CFL A 5 -4.51 1.78 7.39
O1P CFL A 5 -4.83 0.58 8.18
O2P CFL A 5 -5.33 3.00 7.53
O5' CFL A 5 -2.98 2.18 7.70
C5' CFL A 5 -2.66 3.49 8.15
C4' CFL A 5 -1.23 3.53 8.70
O4' CFL A 5 -0.33 3.66 7.61
C3' CFL A 5 -1.02 4.78 9.57
O3' CFL A 5 -1.26 4.64 10.98
C2' CFL A 5 0.39 5.25 9.16
C1' CFL A 5 0.85 4.22 8.12
N1 CFL A 5 1.63 4.78 6.98
C2 CFL A 5 2.82 4.17 6.61
O2 CFL A 5 3.27 3.17 7.14
N3 CFL A 5 3.53 4.73 5.58
C4 CFL A 5 3.12 5.80 4.92
N4 CFL A 5 3.88 6.26 3.96
C5 CFL A 5 1.89 6.42 5.25
C6 CFL A 5 1.18 5.89 6.28
F CFL A 5 0.28 6.22 8.68
H5'1 CFL A 5 -3.35 3.75 8.95
H5'2 CFL A 5 -2.78 4.21 7.33
H4' CFL A 5 -1.02 2.62 9.24
H3' CFL A 5 -1.70 5.55 9.23
H2' CFL A 5 1.10 5.31 9.99
H1' CFL A 5 1.42 3.44 8.64
HN41 CFL A 5 4.76 5.78 3.75
HN42 CFL A 5 3.61 7.09 3.47
H5 CFL A 5 1.51 7.28 4.73
H6 CFL A 5 0.23 6.33 6.54
HN3 CFL A 5 4.40 4.28 5.32
P CFL B 4 5.04 5.39 -4.97
O1P CFL B 4 5.63 4.95 -6.24
O2P CFL B 4 5.26 6.78 -4.50
O5' CFL B 4 3.44 5.16 -5.02
C5' CFL B 4 2.86 4.25 -5.94
C4' CFL B 4 3.19 2.77 -5.63
O4' CFL B 4 2.48 2.37 -4.46
C3' CFL B 4 2.71 1.87 -6.78
O3' CFL B 4 3.55 0.73 -6.91
C2' CFL B 4 1.31 1.54 -6.33
C1' CFL B 4 1.55 1.37 -4.84
N1 CFL B 4 0.33 1.51 -4.01
C2 CFL B 4 0.06 0.52 -3.07
O2 CFL B 4 0.76 -0.47 -2.89
N3 CFL B 4 -1.07 0.67 -2.32
C4 CFL B 4 -1.91 1.71 -2.46
N4 CFL B 4 -2.92 1.76 -1.65
C5 CFL B 4 -1.60 2.74 -3.38
C6 CFL B 4 -0.49 2.61 -4.13
F CFL B 4 0.64 2.38 -6.51
H5'1 CFL B 4 3.22 4.48 -6.94
H5'2 CFL B 4 1.79 4.38 -5.93
H4' CFL B 4 4.26 2.64 -5.48
H3' CFL B 4 2.68 2.43 -7.72
H2' CFL B 4 0.91 0.63 -6.78
H1' CFL B 4 2.03 0.39 -4.70
HN41 CFL B 4 -3.03 1.01 -0.96
HN42 CFL B 4 -3.59 2.50 -1.73
H5 CFL B 4 -2.23 3.62 -3.49
H6 CFL B 4 -0.21 3.38 -4.84
HN3 CFL B 4 -1.24 -0.05 -1.63
P CFL B 5 3.62 -0.12 -8.27
O1P CFL B 5 4.80 -0.99 -8.19
O2P CFL B 5 3.46 0.83 -9.40
O5' CFL B 5 2.29 -1.03 -8.19
C5' CFL B 5 1.42 -1.17 -9.30
C4' CFL B 5 0.54 -2.40 -9.10
O4' CFL B 5 -0.53 -2.16 -8.20
C3' CFL B 5 -0.06 -2.95 -10.39
O3' CFL B 5 0.63 -4.16 -10.71
C2' CFL B 5 -1.53 -3.13 -10.07
C1' CFL B 5 -1.51 -3.12 -8.54
N1 CFL B 5 -2.80 -2.74 -7.90
C2 CFL B 5 -3.23 -3.48 -6.81
O2 CFL B 5 -2.61 -4.44 -6.35
N3 CFL B 5 -4.41 -3.12 -6.24
C4 CFL B 5 -5.14 -2.09 -6.65
N4 CFL B 5 -6.21 -1.82 -5.98
C5 CFL B 5 -4.71 -1.30 -7.75
C6 CFL B 5 -3.53 -1.66 -8.34
F CFL B 5 -2.08 -2.27 -10.43
H5'1 CFL B 5 2.01 -1.31 -10.21
H5'2 CFL B 5 0.80 -0.28 -9.42
H4' CFL B 5 1.18 -3.18 -8.70
H3' CFL B 5 0.03 -2.24 -11.21
H2' CFL B 5 -1.96 -4.06 -10.44
H1' CFL B 5 -1.17 -4.11 -8.21
HN41 CFL B 5 -6.44 -2.40 -5.17
HN42 CFL B 5 -6.78 -1.02 -6.22
H5 CFL B 5 -5.26 -0.45 -8.11
H6 CFL B 5 -3.16 -1.07 -9.17
HN3 CFL B 5 -4.71 -3.67 -5.43
P CFL C 4 6.06 -4.02 -5.08
O1P CFL C 4 7.18 -3.16 -5.51
O2P CFL C 4 5.92 -5.37 -5.65
O5' CFL C 4 6.02 -4.14 -3.48
C5' CFL C 4 6.89 -3.41 -2.63
C4' CFL C 4 6.55 -1.92 -2.48
O4' CFL C 4 5.23 -1.78 -1.98
C3' CFL C 4 7.52 -1.21 -1.51
O3' CFL C 4 8.52 -0.40 -2.14
C2' CFL C 4 6.62 -0.53 -0.49
C1' CFL C 4 5.19 -0.69 -1.07
N1 CFL C 4 4.16 -1.03 -0.04
C2 CFL C 4 3.15 -0.12 0.25
O2 CFL C 4 2.97 0.93 -0.38
N3 CFL C 4 2.27 -0.38 1.26
C4 CFL C 4 2.37 -1.54 1.91
N4 CFL C 4 1.50 -1.72 2.89
C5 CFL C 4 3.33 -2.53 1.60
C6 CFL C 4 4.21 -2.24 0.61
F CFL C 4 6.77 -1.20 0.71
H5'1 CFL C 4 7.92 -3.50 -2.99
H5'2 CFL C 4 6.84 -3.86 -1.64
H4' CFL C 4 6.61 -1.46 -3.47
H3' CFL C 4 8.07 -1.98 -0.97
H2' CFL C 4 6.84 0.52 -0.32
H1' CFL C 4 4.95 0.24 -1.61
HN41 CFL C 4 0.76 -1.04 2.99
HN42 CFL C 4 1.50 -2.60 3.39
H5 CFL C 4 3.40 -3.47 2.13
H6 CFL C 4 4.97 -2.95 0.34
P CFL C 5 8.23 1.00 -2.90
O1P CFL C 5 6.86 0.93 -3.46
O2P CFL C 5 9.38 1.31 -3.78
O5' CFL C 5 8.22 2.03 -1.68
C5' CFL C 5 9.39 2.27 -0.89
C4' CFL C 5 9.08 3.30 0.20
O4' CFL C 5 8.17 2.78 1.15
C3' CFL C 5 10.28 3.81 1.00
O3' CFL C 5 10.69 5.06 0.43
C2' CFL C 5 9.74 3.96 2.41
C1' CFL C 5 8.24 3.66 2.24
N1 CFL C 5 7.55 3.06 3.42
C2 CFL C 5 6.48 3.74 4.00
O2 CFL C 5 6.10 4.84 3.58
N3 CFL C 5 5.82 3.22 5.07
C4 CFL C 5 6.21 2.05 5.54
N4 CFL C 5 5.51 1.59 6.55
C5 CFL C 5 7.28 1.30 4.99
C6 CFL C 5 7.92 1.83 3.91
F CFL C 5 10.36 3.07 3.27
H5'1 CFL C 5 10.18 2.64 -1.52
H5'2 CFL C 5 9.70 1.33 -0.41
H4' CFL C 5 8.63 4.16 -0.29
H3' CFL C 5 11.09 3.07 0.99
H2' CFL C 5 9.87 4.97 2.80
H1' CFL C 5 7.75 4.60 1.98
HN41 CFL C 5 4.69 2.13 6.84
HN42 CFL C 5 5.74 0.70 6.96
H5 CFL C 5 7.59 0.33 5.37
H6 CFL C 5 8.73 1.29 3.42
P CFL D 4 -2.39 -3.43 7.20
O1P CFL D 4 -3.48 -4.02 8.00
O2P CFL D 4 -1.13 -4.19 6.99
O5' CFL D 4 -2.96 -3.01 5.77
C5' CFL D 4 -4.09 -2.18 5.63
C4' CFL D 4 -4.49 -1.98 4.17
O4' CFL D 4 -3.33 -1.63 3.40
C3' CFL D 4 -5.03 -3.27 3.54
O3' CFL D 4 -6.45 -3.30 3.54
C2' CFL D 4 -4.49 -3.24 2.11
C1' CFL D 4 -3.59 -2.00 2.07
N1 CFL D 4 -2.30 -2.14 1.34
C2 CFL D 4 -2.02 -1.26 0.28
O2 CFL D 4 -2.77 -0.33 -0.02
N3 CFL D 4 -0.90 -1.40 -0.46
C4 CFL D 4 -0.05 -2.37 -0.16
N4 CFL D 4 0.99 -2.46 -0.95
C5 CFL D 4 -0.27 -3.29 0.92
C6 CFL D 4 -1.39 -3.12 1.66
F CFL D 4 -3.84 -4.44 1.83
H5'1 CFL D 4 -3.89 -1.20 6.07
H5'2 CFL D 4 -4.94 -2.61 6.17
H4' CFL D 4 -5.23 -1.20 4.07
H3' CFL D 4 -4.61 -4.13 4.07
H2' CFL D 4 -5.30 -3.12 1.39
H1' CFL D 4 -4.18 -1.19 1.64
HN41 CFL D 4 1.07 -1.75 -1.67
HN42 CFL D 4 1.70 -3.15 -0.78
H5 CFL D 4 0.43 -4.07 1.16
H6 CFL D 4 -1.59 -3.77 2.51
P CFL D 5 -7.27 -4.67 3.82
O1P CFL D 5 -8.73 -4.39 3.78
O2P CFL D 5 -6.68 -5.33 5.00
O5' CFL D 5 -6.90 -5.58 2.53
C5' CFL D 5 -7.87 -5.89 1.54
C4' CFL D 5 -8.21 -4.71 0.63
O4' CFL D 5 -7.11 -4.40 -0.22
C3' CFL D 5 -9.39 -5.06 -0.28
O3' CFL D 5 -10.24 -3.93 -0.46
C2' CFL D 5 -8.72 -5.51 -1.57
C1' CFL D 5 -7.49 -4.60 -1.57
N1 CFL D 5 -6.31 -5.14 -2.31
C2 CFL D 5 -5.89 -4.50 -3.47
O2 CFL D 5 -6.49 -3.56 -3.97
N3 CFL D 5 -4.76 -4.91 -4.12
C4 CFL D 5 -4.07 -5.92 -3.61
N4 CFL D 5 -2.98 -6.23 -4.26
C5 CFL D 5 -4.46 -6.62 -2.43
C6 CFL D 5 -5.58 -6.19 -1.80
F CFL D 5 -8.35 -6.85 -1.49
H5'1 CFL D 5 -8.77 -6.25 2.02
H5'2 CFL D 5 -7.47 -6.71 0.93
H4' CFL D 5 -8.46 -3.84 1.23
H3' CFL D 5 -9.95 -5.89 0.14
H2' CFL D 5 -9.35 -5.35 -2.44
H1' CFL D 5 -7.81 -3.66 -2.04
HN41 CFL D 5 -2.75 -5.63 -5.06
HN42 CFL D 5 -2.38 -6.97 -3.95
H5 CFL D 5 -3.89 -7.44 -2.01
H6 CFL D 5 -5.90 -6.66 -0.87
P CFL A 4 -8.17 2.50 1.86
O1P CFL A 4 -8.47 2.63 3.30
O2P CFL A 4 -9.01 3.18 0.86
O5' CFL A 4 -6.64 2.99 1.64
C5' CFL A 4 -5.79 3.32 2.72
C4' CFL A 4 -5.23 2.09 3.46
O4' CFL A 4 -4.19 1.49 2.65
C3' CFL A 4 -4.58 2.53 4.78
O3' CFL A 4 -4.61 1.51 5.78
C2' CFL A 4 -3.16 2.84 4.30
C1' CFL A 4 -2.95 1.71 3.30
N1 CFL A 4 -1.92 2.05 2.27
C2 CFL A 4 -0.80 1.25 2.17
O2 CFL A 4 -0.55 0.31 2.91
N3 CFL A 4 0.08 1.54 1.17
C4 CFL A 4 -0.07 2.57 0.34
N4 CFL A 4 0.85 2.74 -0.56
C5 CFL A 4 -1.17 3.45 0.49
C6 CFL A 4 -2.07 3.15 1.46
F CFL A 4 -3.15 3.80 3.79
H5'1 CFL A 4 -6.36 3.94 3.43
H5'2 CFL A 4 -4.97 3.93 2.35
H4' CFL A 4 -6.03 1.37 3.65
H3' CFL A 4 -5.05 3.44 5.14
H2' CFL A 4 -2.43 2.82 5.11
H1' CFL A 4 -2.67 0.80 3.86
HN41 CFL A 4 1.67 2.12 -0.57
HN42 CFL A 4 0.83 3.55 -1.15
H5 CFL A 4 -1.31 4.31 -0.13
H6 CFL A 4 -2.94 3.78 1.61
HN3 CFL A 4 0.89 0.92 1.08
P CFL A 5 -4.61 1.90 7.35
O1P CFL A 5 -4.92 0.71 8.16
O2P CFL A 5 -5.41 3.14 7.50
O5' CFL A 5 -3.07 2.29 7.62
C5' CFL A 5 -2.72 3.58 8.10
C4' CFL A 5 -1.29 3.62 8.63
O4' CFL A 5 -0.40 3.78 7.53
C3' CFL A 5 -1.06 4.86 9.51
O3' CFL A 5 -1.30 4.74 10.93
C2' CFL A 5 0.36 5.28 9.14
C1' CFL A 5 0.80 4.28 8.05
N1 CFL A 5 1.59 4.89 6.93
C2 CFL A 5 2.76 4.24 6.52
O2 CFL A 5 3.18 3.21 7.01
N3 CFL A 5 3.47 4.81 5.49
C4 CFL A 5 3.05 5.92 4.86
N4 CFL A 5 3.79 6.36 3.89
C5 CFL A 5 1.87 6.58 5.26
C6 CFL A 5 1.18 6.03 6.29
F CFL A 5 0.30 6.28 8.71
H5'1 CFL A 5 -3.39 3.84 8.92
H5'2 CFL A 5 -2.85 4.32 7.30
H4' CFL A 5 -1.06 2.69 9.14
H3' CFL A 5 -1.73 5.64 9.17
H2' CFL A 5 1.07 5.26 9.97
H1' CFL A 5 1.35 3.46 8.54
HN41 CFL A 5 4.65 5.85 3.64
HN42 CFL A 5 3.54 7.21 3.42
H5 CFL A 5 1.52 7.47 4.78
H6 CFL A 5 0.25 6.50 6.59
HN3 CFL A 5 4.31 4.35 5.19
P CFL B 4 5.29 5.26 -5.24
O1P CFL B 4 5.99 4.74 -6.44
O2P CFL B 4 5.51 6.67 -4.84
O5' CFL B 4 3.70 5.05 -5.40
C5' CFL B 4 3.13 4.02 -6.21
C4' CFL B 4 3.43 2.58 -5.74
O4' CFL B 4 2.72 2.29 -4.53
C3' CFL B 4 2.94 1.58 -6.81
O3' CFL B 4 3.79 0.44 -6.90
C2' CFL B 4 1.56 1.24 -6.29
C1' CFL B 4 1.85 1.21 -4.79
N1 CFL B 4 0.62 1.39 -3.97
C2 CFL B 4 0.30 0.40 -3.04
O2 CFL B 4 0.96 -0.61 -2.85
N3 CFL B 4 -0.84 0.59 -2.31
C4 CFL B 4 -1.64 1.65 -2.47
N4 CFL B 4 -2.68 1.71 -1.69
C5 CFL B 4 -1.30 2.66 -3.39
C6 CFL B 4 -0.17 2.50 -4.12
F CFL B 4 0.87 2.06 -6.52
H5'1 CFL B 4 3.51 4.15 -7.22
H5'2 CFL B 4 2.04 4.16 -6.24
H4' CFL B 4 4.51 2.45 -5.58
H3' CFL B 4 2.86 2.07 -7.78
H2' CFL B 4 1.18 0.29 -6.66
H1' CFL B 4 2.36 0.27 -4.56
HN41 CFL B 4 -2.83 0.98 -1.01
HN42 CFL B 4 -3.33 2.47 -1.81
H5 CFL B 4 -1.92 3.55 -3.53
H6 CFL B 4 0.13 3.25 -4.84
HN3 CFL B 4 -1.05 -0.13 -1.62
P CFL B 5 3.88 -0.42 -8.27
O1P CFL B 5 5.09 -1.27 -8.14
O2P CFL B 5 3.74 0.52 -9.39
O5' CFL B 5 2.58 -1.35 -8.19
C5' CFL B 5 1.63 -1.40 -9.25
C4' CFL B 5 0.68 -2.59 -9.06
O4' CFL B 5 -0.37 -2.32 -8.13
C3' CFL B 5 0.03 -3.10 -10.35
O3' CFL B 5 0.72 -4.30 -10.72
C2' CFL B 5 -1.43 -3.29 -9.96
C1' CFL B 5 -1.38 -3.26 -8.43
N1 CFL B 5 -2.66 -2.85 -7.78
C2 CFL B 5 -3.13 -3.59 -6.70
O2 CFL B 5 -2.57 -4.58 -6.26
N3 CFL B 5 -4.30 -3.18 -6.11
C4 CFL B 5 -4.97 -2.11 -6.51
N4 CFL B 5 -6.05 -1.81 -5.86
C5 CFL B 5 -4.50 -1.33 -7.60
C6 CFL B 5 -3.35 -1.72 -8.20
F CFL B 5 -1.99 -2.42 -10.31
H5'1 CFL B 5 2.16 -1.54 -10.19
H5'2 CFL B 5 1.07 -0.47 -9.30
H4' CFL B 5 1.27 -3.41 -8.67
H3' CFL B 5 0.09 -2.36 -11.15
H2' CFL B 5 -1.88 -4.21 -10.33
H1' CFL B 5 -1.07 -4.25 -8.09
HN41 CFL B 5 -6.32 -2.39 -5.06
HN42 CFL B 5 -6.58 -0.99 -6.10
H5 CFL B 5 -5.02 -0.45 -7.95
H6 CFL B 5 -2.95 -1.15 -9.02
HN3 CFL B 5 -4.63 -3.73 -5.32
P CFL C 4 6.18 -4.21 -4.89
O1P CFL C 4 7.30 -3.33 -5.30
O2P CFL C 4 6.06 -5.58 -5.45
O5' CFL C 4 6.10 -4.26 -3.28
C5' CFL C 4 6.90 -3.44 -2.43
C4' CFL C 4 6.54 -1.94 -2.40
O4' CFL C 4 5.20 -1.76 -1.96
C3' CFL C 4 7.46 -1.15 -1.45
O3' CFL C 4 8.43 -0.31 -2.12
C2' CFL C 4 6.52 -0.43 -0.48
C1' CFL C 4 5.12 -0.63 -1.11
N1 CFL C 4 4.07 -0.95 -0.09
C2 CFL C 4 3.05 -0.04 0.21
O2 CFL C 4 2.88 1.00 -0.42
N3 CFL C 4 2.16 -0.31 1.21
C4 CFL C 4 2.26 -1.46 1.87
N4 CFL C 4 1.39 -1.66 2.83
C5 CFL C 4 3.23 -2.45 1.57
C6 CFL C 4 4.11 -2.16 0.58
F CFL C 4 6.63 -1.06 0.75
H5'1 CFL C 4 7.96 -3.54 -2.72
H5'2 CFL C 4 6.81 -3.82 -1.42
H4' CFL C 4 6.63 -1.55 -3.41
H3' CFL C 4 8.03 -1.86 -0.86
H2' CFL C 4 6.73 0.62 -0.35
H1' CFL C 4 4.88 0.27 -1.68
HN41 CFL C 4 0.65 -0.97 2.94
HN42 CFL C 4 1.37 -2.54 3.32
H5 CFL C 4 3.29 -3.39 2.09
H6 CFL C 4 4.88 -2.87 0.31
P CFL C 5 8.08 1.03 -2.95
O1P CFL C 5 6.70 0.88 -3.46
O2P CFL C 5 9.19 1.31 -3.88
O5' CFL C 5 8.10 2.12 -1.78
C5' CFL C 5 9.28 2.40 -1.02
C4' CFL C 5 8.98 3.44 0.06
O4' CFL C 5 8.08 2.92 1.01
C3' CFL C 5 10.17 3.98 0.85
O3' CFL C 5 10.59 5.22 0.28
C2' CFL C 5 9.63 4.13 2.28
C1' CFL C 5 8.14 3.79 2.12
N1 CFL C 5 7.47 3.16 3.30
C2 CFL C 5 6.38 3.82 3.88
O2 CFL C 5 5.98 4.91 3.48
N3 CFL C 5 5.72 3.28 4.93
C4 CFL C 5 6.10 2.10 5.39
N4 CFL C 5 5.39 1.61 6.38
C5 CFL C 5 7.19 1.36 4.83
C6 CFL C 5 7.84 1.93 3.77
F CFL C 5 10.26 3.25 3.15
H5'1 CFL C 5 10.06 2.79 -1.69
H5'2 CFL C 5 9.64 1.49 -0.55
H4' CFL C 5 8.51 4.30 -0.43
H3' CFL C 5 10.98 3.24 0.85
H2' CFL C 5 9.74 5.15 2.65
H1' CFL C 5 7.63 4.73 1.87
HN41 CFL C 5 4.57 2.15 6.67
HN42 CFL C 5 5.59 0.69 6.75
H5 CFL C 5 7.49 0.40 5.20
H6 CFL C 5 8.66 1.41 3.29
P CFL D 4 -2.52 -3.27 7.32
O1P CFL D 4 -3.64 -3.78 8.15
O2P CFL D 4 -1.31 -4.09 7.13
O5' CFL D 4 -3.07 -2.87 5.86
C5' CFL D 4 -4.19 -2.02 5.66
C4' CFL D 4 -4.52 -1.87 4.16
O4' CFL D 4 -3.35 -1.55 3.42
C3' CFL D 4 -5.02 -3.20 3.57
O3' CFL D 4 -6.45 -3.27 3.58
C2' CFL D 4 -4.48 -3.18 2.13
C1' CFL D 4 -3.56 -1.95 2.08
N1 CFL D 4 -2.26 -2.14 1.37
C2 CFL D 4 -1.95 -1.28 0.31
O2 CFL D 4 -2.66 -0.34 -0.01
N3 CFL D 4 -0.83 -1.46 -0.43
C4 CFL D 4 -0.02 -2.47 -0.13
N4 CFL D 4 1.04 -2.59 -0.90
C5 CFL D 4 -0.27 -3.38 0.94
C6 CFL D 4 -1.39 -3.16 1.68
F CFL D 4 -3.87 -4.38 1.83
H5'1 CFL D 4 -3.99 -1.02 6.07
H5'2 CFL D 4 -5.06 -2.42 6.17
H4' CFL D 4 -5.28 -1.10 4.01
H3' CFL D 4 -4.57 -4.03 4.11
H2' CFL D 4 -5.29 -3.02 1.43
H1' CFL D 4 -4.13 -1.15 1.61
HN41 CFL D 4 1.14 -1.89 -1.64
HN42 CFL D 4 1.75 -3.26 -0.70
H5 CFL D 4 0.40 -4.18 1.19
H6 CFL D 4 -1.62 -3.80 2.52
P CFL D 5 -7.21 -4.67 3.90
O1P CFL D 5 -8.67 -4.39 3.94
O2P CFL D 5 -6.56 -5.29 5.07
O5' CFL D 5 -6.91 -5.59 2.61
C5' CFL D 5 -7.89 -5.84 1.62
C4' CFL D 5 -8.22 -4.61 0.74
O4' CFL D 5 -7.12 -4.30 -0.12
C3' CFL D 5 -9.41 -4.92 -0.18
O3' CFL D 5 -10.23 -3.77 -0.37
C2' CFL D 5 -8.75 -5.41 -1.46
C1' CFL D 5 -7.49 -4.54 -1.48
N1 CFL D 5 -6.31 -5.11 -2.20
C2 CFL D 5 -5.86 -4.50 -3.36
O2 CFL D 5 -6.43 -3.54 -3.87
N3 CFL D 5 -4.74 -4.95 -3.99
C4 CFL D 5 -4.09 -5.99 -3.49
N4 CFL D 5 -3.01 -6.35 -4.13
C5 CFL D 5 -4.51 -6.66 -2.30
C6 CFL D 5 -5.61 -6.18 -1.67
F CFL D 5 -8.41 -6.75 -1.36
H5'1 CFL D 5 -8.81 -6.17 2.12
H5'2 CFL D 5 -7.54 -6.65 0.99
H4' CFL D 5 -8.46 -3.76 1.37
H3' CFL D 5 -10.01 -5.73 0.25
H2' CFL D 5 -9.36 -5.25 -2.34
H1' CFL D 5 -7.79 -3.60 -1.96
HN41 CFL D 5 -2.74 -5.76 -4.92
HN42 CFL D 5 -2.45 -7.11 -3.80
H5 CFL D 5 -3.97 -7.50 -1.88
H6 CFL D 5 -5.97 -6.63 -0.75
P CFL A 4 -8.25 2.53 1.72
O1P CFL A 4 -8.87 2.73 3.05
O2P CFL A 4 -8.62 3.39 0.59
O5' CFL A 4 -6.66 2.60 1.87
C5' CFL A 4 -6.01 3.02 3.05
C4' CFL A 4 -5.27 1.88 3.75
O4' CFL A 4 -4.24 1.39 2.89
C3' CFL A 4 -4.60 2.44 5.01
O3' CFL A 4 -4.60 1.49 6.07
C2' CFL A 4 -3.22 2.78 4.50
C1' CFL A 4 -2.99 1.64 3.50
N1 CFL A 4 -2.02 2.00 2.44
C2 CFL A 4 -0.87 1.22 2.31
O2 CFL A 4 -0.60 0.28 3.04
N3 CFL A 4 -0.01 1.55 1.31
C4 CFL A 4 -0.19 2.58 0.50
N4 CFL A 4 0.71 2.77 -0.42
C5 CFL A 4 -1.34 3.40 0.63
C6 CFL A 4 -2.22 3.07 1.60
F CFL A 4 -3.25 3.74 3.97
H5'1 CFL A 4 -6.75 3.44 3.76
H5'2 CFL A 4 -5.31 3.81 2.80
H4' CFL A 4 -5.96 1.08 4.01
H3' CFL A 4 -5.10 3.36 5.33
H2' CFL A 4 -2.45 2.79 5.28
H1' CFL A 4 -2.68 0.75 4.07
HN41 CFL A 4 1.54 2.16 -0.47
HN42 CFL A 4 0.63 3.56 -1.04
H5 CFL A 4 -1.52 4.24 -0.02
H6 CFL A 4 -3.13 3.65 1.73
HN3 CFL A 4 0.82 0.95 1.22
P CFL A 5 -4.57 1.98 7.61
O1P CFL A 5 -4.93 0.86 8.49
O2P CFL A 5 -5.33 3.25 7.68
O5' CFL A 5 -3.02 2.34 7.83
C5' CFL A 5 -2.64 3.60 8.34
C4' CFL A 5 -1.19 3.56 8.80
O4' CFL A 5 -0.34 3.74 7.67
C3' CFL A 5 -0.88 4.73 9.76
O3' CFL A 5 -1.03 4.50 11.17
C2' CFL A 5 0.52 5.18 9.30
C1' CFL A 5 0.89 4.22 8.16
N1 CFL A 5 1.62 4.85 7.03
C2 CFL A 5 2.80 4.27 6.58
O2 CFL A 5 3.27 3.24 7.04
N3 CFL A 5 3.46 4.89 5.55
C4 CFL A 5 3.01 6.00 4.97
N4 CFL A 5 3.70 6.49 4.00
C5 CFL A 5 1.80 6.60 5.40
C6 CFL A 5 1.15 6.00 6.42
F CFL A 5 0.43 6.19 8.90
H5'1 CFL A 5 -3.26 3.83 9.20
H5'2 CFL A 5 -2.77 4.37 7.59
H4' CFL A 5 -0.98 2.60 9.26
H3' CFL A 5 -1.55 5.55 9.51
H2' CFL A 5 1.27 5.16 10.09
H1' CFL A 5 1.45 3.39 8.60
HN41 CFL A 5 4.58 6.01 3.71
HN42 CFL A 5 3.39 7.32 3.53
H5 CFL A 5 1.40 7.49 4.94
H6 CFL A 5 0.21 6.42 6.76
HN3 CFL A 5 4.32 4.46 5.24
P CFL B 4 4.45 5.59 -4.94
O1P CFL B 4 5.10 5.26 -6.23
O2P CFL B 4 4.46 6.98 -4.43
O5' CFL B 4 2.91 5.11 -5.02
C5' CFL B 4 2.48 4.10 -5.91
C4' CFL B 4 2.98 2.69 -5.52
O4' CFL B 4 2.34 2.27 -4.31
C3' CFL B 4 2.58 1.69 -6.61
O3' CFL B 4 3.58 0.68 -6.74
C2' CFL B 4 1.26 1.16 -6.10
C1' CFL B 4 1.52 1.16 -4.60
N1 CFL B 4 0.27 1.31 -3.79
C2 CFL B 4 -0.01 0.34 -2.82
O2 CFL B 4 0.68 -0.64 -2.61
N3 CFL B 4 -1.15 0.54 -2.08
C4 CFL B 4 -1.98 1.56 -2.28
N4 CFL B 4 -3.00 1.66 -1.49
C5 CFL B 4 -1.68 2.55 -3.25
C6 CFL B 4 -0.56 2.38 -3.98
F CFL B 4 0.47 1.88 -6.34
H5'1 CFL B 4 2.85 4.35 -6.91
H5'2 CFL B 4 1.40 4.09 -5.95
H4' CFL B 4 4.06 2.70 -5.40
H3' CFL B 4 2.43 2.20 -7.57
H2' CFL B 4 1.01 0.16 -6.47
H1' CFL B 4 2.06 0.24 -4.35
HN41 CFL B 4 -3.14 0.92 -0.78
HN42 CFL B 4 -3.66 2.40 -1.59
H5 CFL B 4 -2.32 3.39 -3.43
H6 CFL B 4 -0.29 3.11 -4.74
HN3 CFL B 4 -1.34 -0.17 -1.37
P CFL B 5 3.78 -0.16 -8.10
O1P CFL B 5 5.08 -0.87 -7.93
O2P CFL B 5 3.53 0.74 -9.24
O5' CFL B 5 2.58 -1.24 -8.01
C5' CFL B 5 1.69 -1.48 -9.09
C4' CFL B 5 0.87 -2.74 -8.81
O4' CFL B 5 -0.22 -2.49 -7.94
C3' CFL B 5 0.32 -3.41 -10.07
O3' CFL B 5 1.00 -4.65 -10.26
C2' CFL B 5 -1.17 -3.57 -9.78
C1' CFL B 5 -1.19 -3.46 -8.26
N1 CFL B 5 -2.51 -3.03 -7.70
C2 CFL B 5 -3.06 -3.76 -6.64
O2 CFL B 5 -2.52 -4.74 -6.13
N3 CFL B 5 -4.25 -3.33 -6.13
C4 CFL B 5 -4.89 -2.26 -6.60
N4 CFL B 5 -5.99 -1.92 -6.00
C5 CFL B 5 -4.34 -1.51 -7.67
C6 CFL B 5 -3.16 -1.92 -8.18
F CFL B 5 -1.70 -2.70 -10.21
H5'1 CFL B 5 2.28 -1.65 -10.00
H5'2 CFL B 5 1.02 -0.64 -9.24
H4' CFL B 5 1.55 -3.47 -8.34
H3' CFL B 5 0.44 -2.77 -10.95
H2' CFL B 5 -1.60 -4.50 -10.13
H1' CFL B 5 -0.89 -4.44 -7.85
HN41 CFL B 5 -6.30 -2.47 -5.19
HN42 CFL B 5 -6.50 -1.11 -6.29
H5 CFL B 5 -4.83 -0.62 -8.07
H6 CFL B 5 -2.70 -1.36 -8.99
HN3 CFL B 5 -4.62 -3.84 -5.34
P CFL C 4 6.03 -4.21 -4.39
O1P CFL C 4 7.11 -3.35 -4.94
O2P CFL C 4 5.93 -5.64 -4.77
O5' CFL C 4 5.97 -4.11 -2.78
C5' CFL C 4 6.83 -3.27 -2.03
C4' CFL C 4 6.54 -1.78 -2.22
O4' CFL C 4 5.18 -1.53 -1.89
C3' CFL C 4 7.45 -0.91 -1.35
O3' CFL C 4 8.37 -0.09 -2.08
C2' CFL C 4 6.50 -0.21 -0.37
C1' CFL C 4 5.09 -0.44 -0.98
N1 CFL C 4 4.06 -0.83 0.02
C2 CFL C 4 2.98 0.03 0.29
O2 CFL C 4 2.77 1.06 -0.34
N3 CFL C 4 2.09 -0.28 1.28
C4 CFL C 4 2.23 -1.41 1.95
N4 CFL C 4 1.38 -1.65 2.91
C5 CFL C 4 3.27 -2.36 1.66
C6 CFL C 4 4.15 -2.03 0.69
F CFL C 4 6.63 -0.84 0.85
H5'1 CFL C 4 7.86 -3.48 -2.31
H5'2 CFL C 4 6.71 -3.51 -0.97
H4' CFL C 4 6.70 -1.53 -3.27
H3' CFL C 4 8.06 -1.58 -0.74
H2' CFL C 4 6.70 0.85 -0.25
H1' CFL C 4 4.82 0.47 -1.53
HN41 CFL C 4 0.60 -0.98 3.02
HN42 CFL C 4 1.41 -2.50 3.42
H5 CFL C 4 3.37 -3.28 2.20
H6 CFL C 4 4.96 -2.70 0.44
P CFL C 5 7.96 1.19 -2.99
O1P CFL C 5 6.59 0.96 -3.49
O2P CFL C 5 9.07 1.46 -3.92
O5' CFL C 5 7.94 2.33 -1.86
C5' CFL C 5 9.12 2.71 -1.16
C4' CFL C 5 8.79 3.72 -0.06
O4' CFL C 5 7.96 3.16 0.93
C3' CFL C 5 9.99 4.34 0.68
O3' CFL C 5 10.26 5.65 0.15
C2' CFL C 5 9.54 4.38 2.15
C1' CFL C 5 8.06 4.03 2.04
N1 CFL C 5 7.43 3.36 3.22
C2 CFL C 5 6.35 4.00 3.85
O2 CFL C 5 5.91 5.08 3.48
N3 CFL C 5 5.75 3.41 4.92
C4 CFL C 5 6.17 2.24 5.33
N4 CFL C 5 5.52 1.72 6.35
C5 CFL C 5 7.25 1.53 4.72
C6 CFL C 5 7.84 2.12 3.66
F CFL C 5 10.23 3.42 2.89
H5'1 CFL C 5 9.83 3.16 -1.86
H5'2 CFL C 5 9.59 1.83 -0.71
H4' CFL C 5 8.26 4.55 -0.53
H3' CFL C 5 10.86 3.70 0.58
H2' CFL C 5 9.67 5.35 2.60
H1' CFL C 5 7.52 4.96 1.82
HN41 CFL C 5 4.70 2.23 6.68
HN42 CFL C 5 5.77 0.82 6.71
H5 CFL C 5 7.59 0.56 5.05
H6 CFL C 5 8.64 1.63 3.12
P CFL D 4 -2.54 -3.45 7.38
O1P CFL D 4 -3.62 -4.01 8.23
O2P CFL D 4 -1.33 -4.25 7.10
O5' CFL D 4 -3.16 -3.02 5.97
C5' CFL D 4 -4.31 -2.19 5.87
C4' CFL D 4 -4.72 -1.99 4.41
O4' CFL D 4 -3.57 -1.61 3.65
C3' CFL D 4 -5.25 -3.27 3.76
O3' CFL D 4 -6.68 -3.31 3.77
C2' CFL D 4 -4.73 -3.22 2.32
C1' CFL D 4 -3.82 -1.99 2.30
N1 CFL D 4 -2.52 -2.17 1.60
C2 CFL D 4 -2.21 -1.33 0.52
O2 CFL D 4 -2.94 -0.40 0.20
N3 CFL D 4 -1.09 -1.52 -0.19
C4 CFL D 4 -0.27 -2.51 0.13
N4 CFL D 4 0.78 -2.63 -0.63
C5 CFL D 4 -0.51 -3.38 1.23
C6 CFL D 4 -1.64 -3.16 1.96
F CFL D 4 -4.11 -4.41 2.00
H5'1 CFL D 4 -4.11 -1.22 6.32
H5'2 CFL D 4 -5.15 -2.66 6.40
H4' CFL D 4 -5.47 -1.20 4.33
H3' CFL D 4 -4.82 -4.14 4.27
H2' CFL D 4 -5.55 -3.05 1.61
H1' CFL D 4 -4.39 -1.17 1.86
HN41 CFL D 4 0.89 -1.93 -1.36
HN42 CFL D 4 1.49 -3.31 -0.43
H5 CFL D 4 0.17 -4.17 1.51
H6 CFL D 4 -1.86 -3.78 2.83
P CFL D 5 -7.49 -4.70 3.88
O1P CFL D 5 -8.93 -4.38 3.96
O2P CFL D 5 -6.86 -5.52 4.92
O5' CFL D 5 -7.23 -5.43 2.46
C5' CFL D 5 -8.28 -5.68 1.53
C4' CFL D 5 -8.55 -4.50 0.58
O4' CFL D 5 -7.39 -4.25 -0.24
C3' CFL D 5 -9.68 -4.84 -0.39
O3' CFL D 5 -10.48 -3.69 -0.68
C2' CFL D 5 -8.97 -5.37 -1.62
C1' CFL D 5 -7.71 -4.51 -1.60
N1 CFL D 5 -6.51 -5.11 -2.25
C2 CFL D 5 -6.01 -4.54 -3.42
O2 CFL D 5 -6.55 -3.58 -3.97
N3 CFL D 5 -4.88 -5.03 -4.00
C4 CFL D 5 -4.26 -6.04 -3.43
N4 CFL D 5 -3.16 -6.42 -4.02
C5 CFL D 5 -4.73 -6.67 -2.24
C6 CFL D 5 -5.85 -6.17 -1.68
F CFL D 5 -8.65 -6.72 -1.48
H5'1 CFL D 5 -9.19 -5.91 2.07
H5'2 CFL D 5 -8.00 -6.56 0.94
H4' CFL D 5 -8.79 -3.61 1.15
H3' CFL D 5 -10.30 -5.63 0.04
H2' CFL D 5 -9.54 -5.22 -2.53
H1' CFL D 5 -7.98 -3.58 -2.11
HN41 CFL D 5 -2.86 -5.87 -4.82
HN42 CFL D 5 -2.62 -7.19 -3.65
H5 CFL D 5 -4.22 -7.50 -1.77
H6 CFL D 5 -6.24 -6.58 -0.74
P CFL A 4 -8.42 2.48 1.69
O1P CFL A 4 -9.07 2.66 3.01
O2P CFL A 4 -8.61 3.46 0.61
O5' CFL A 4 -6.85 2.34 1.93
C5' CFL A 4 -6.17 3.03 2.95
C4' CFL A 4 -5.30 2.00 3.66
O4' CFL A 4 -4.28 1.58 2.76
C3' CFL A 4 -4.63 2.60 4.89
O3' CFL A 4 -4.61 1.62 5.93
C2' CFL A 4 -3.26 2.95 4.38
C1' CFL A 4 -3.03 1.81 3.38
N1 CFL A 4 -2.04 2.13 2.33
C2 CFL A 4 -0.92 1.34 2.21
O2 CFL A 4 -0.67 0.39 2.96
N3 CFL A 4 -0.04 1.64 1.22
C4 CFL A 4 -0.20 2.68 0.40
N4 CFL A 4 0.71 2.83 -0.52
C5 CFL A 4 -1.33 3.50 0.51
C6 CFL A 4 -2.24 3.20 1.48
F CFL A 4 -3.30 3.91 3.83
H5'1 CFL A 4 -6.87 3.47 3.66
H5'2 CFL A 4 -5.55 3.82 2.51
H4' CFL A 4 -5.92 1.16 3.94
H3' CFL A 4 -5.16 3.50 5.23
H2' CFL A 4 -2.49 2.98 5.14
H1' CFL A 4 -2.76 0.91 3.96
HN41 CFL A 4 1.53 2.21 -0.55
HN42 CFL A 4 0.65 3.63 -1.14
H5 CFL A 4 -1.51 4.33 -0.15
H6 CFL A 4 -3.14 3.78 1.60
HN3 CFL A 4 0.78 1.03 1.14
P CFL A 5 -4.57 2.04 7.49
O1P CFL A 5 -4.90 0.87 8.31
O2P CFL A 5 -5.34 3.30 7.62
O5' CFL A 5 -3.02 2.40 7.71
C5' CFL A 5 -2.64 3.64 8.26
C4' CFL A 5 -1.19 3.59 8.76
O4' CFL A 5 -0.33 3.77 7.64
C3' CFL A 5 -0.89 4.75 9.73
O3' CFL A 5 -1.06 4.51 11.13
C2' CFL A 5 0.50 5.21 9.28
C1' CFL A 5 0.89 4.25 8.15
N1 CFL A 5 1.62 4.89 7.02
C2 CFL A 5 2.81 4.31 6.58
O2 CFL A 5 3.27 3.26 7.02
N3 CFL A 5 3.49 4.94 5.58
C4 CFL A 5 3.05 6.06 5.00
N4 CFL A 5 3.74 6.54 4.03
C5 CFL A 5 1.82 6.63 5.40
C6 CFL A 5 1.14 6.02 6.40
F CFL A 5 0.40 6.23 8.88
H5'1 CFL A 5 -3.28 3.86 9.12
H5'2 CFL A 5 -2.76 4.44 7.52
H4' CFL A 5 -1.01 2.62 9.21
H3' CFL A 5 -1.57 5.57 9.48
H2' CFL A 5 1.25 5.20 10.07
H1' CFL A 5 1.45 3.41 8.59
HN41 CFL A 5 4.62 6.07 3.75
HN42 CFL A 5 3.44 7.37 3.55
H5 CFL A 5 1.42 7.52 4.93
H6 CFL A 5 0.19 6.44 6.72
HN3 CFL A 5 4.35 4.51 5.27
P CFL B 4 4.82 5.39 -5.11
O1P CFL B 4 5.39 4.77 -6.33
O2P CFL B 4 5.11 6.79 -4.78
O5' CFL B 4 3.22 5.23 -5.17
C5' CFL B 4 2.61 4.28 -6.04
C4' CFL B 4 2.88 2.82 -5.63
O4' CFL B 4 2.17 2.52 -4.43
C3' CFL B 4 2.35 1.89 -6.74
O3' CFL B 4 3.37 0.98 -7.18
C2' CFL B 4 1.14 1.24 -6.11
C1' CFL B 4 1.42 1.34 -4.62
N1 CFL B 4 0.17 1.49 -3.84
C2 CFL B 4 -0.16 0.50 -2.92
O2 CFL B 4 0.53 -0.50 -2.71
N3 CFL B 4 -1.32 0.66 -2.21
C4 CFL B 4 -2.13 1.71 -2.39
N4 CFL B 4 -3.18 1.79 -1.62
C5 CFL B 4 -1.81 2.72 -3.31
C6 CFL B 4 -0.66 2.57 -4.03
F CFL B 4 0.26 1.84 -6.36
H5'1 CFL B 4 2.99 4.44 -7.04
H5'2 CFL B 4 1.54 4.45 -6.05
H4' CFL B 4 3.94 2.64 -5.48
H3' CFL B 4 2.00 2.49 -7.59
H2' CFL B 4 0.99 0.20 -6.42
H1' CFL B 4 2.01 0.47 -4.31
HN41 CFL B 4 -3.32 1.05 -0.91
HN42 CFL B 4 -3.82 2.55 -1.72
H5 CFL B 4 -2.44 3.58 -3.48
H6 CFL B 4 -0.37 3.32 -4.76
HN3 CFL B 4 -1.53 -0.05 -1.53
P CFL B 5 3.25 0.25 -8.61
O1P CFL B 5 4.61 -0.29 -8.85
O2P CFL B 5 2.63 1.20 -9.56
O5' CFL B 5 2.25 -0.94 -8.30
C5' CFL B 5 1.36 -1.41 -9.30
C4' CFL B 5 0.72 -2.71 -8.85
O4' CFL B 5 -0.38 -2.48 -7.97
C3' CFL B 5 0.21 -3.53 -10.03
O3' CFL B 5 0.81 -4.83 -9.94
C2' CFL B 5 -1.29 -3.52 -9.84
C1' CFL B 5 -1.35 -3.42 -8.32
N1 CFL B 5 -2.67 -2.98 -7.78
C2 CFL B 5 -3.19 -3.67 -6.69
O2 CFL B 5 -2.64 -4.64 -6.17
N3 CFL B 5 -4.38 -3.24 -6.19
C4 CFL B 5 -5.04 -2.20 -6.68
N4 CFL B 5 -6.15 -1.88 -6.08
C5 CFL B 5 -4.53 -1.48 -7.79
C6 CFL B 5 -3.33 -1.90 -8.30
F CFL B 5 -1.71 -2.61 -10.30
H5'1 CFL B 5 1.93 -1.59 -10.21
H5'2 CFL B 5 0.59 -0.67 -9.50
H4' CFL B 5 1.48 -3.29 -8.34
H3' CFL B 5 0.46 -3.06 -10.99
H2' CFL B 5 -1.80 -4.40 -10.20
H1' CFL B 5 -1.07 -4.41 -7.93
HN41 CFL B 5 -6.45 -2.44 -5.28
HN42 CFL B 5 -6.69 -1.10 -6.40
H5 CFL B 5 -5.03 -0.63 -8.21
H6 CFL B 5 -2.90 -1.36 -9.14
HN3 CFL B 5 -4.74 -3.75 -5.39
P CFL C 4 5.96 -4.20 -4.45
O1P CFL C 4 7.16 -3.47 -4.91
O2P CFL C 4 5.77 -5.61 -4.81
O5' CFL C 4 5.89 -4.10 -2.84
C5' CFL C 4 6.75 -3.26 -2.09
C4' CFL C 4 6.45 -1.76 -2.25
O4' CFL C 4 5.10 -1.51 -1.87
C3' CFL C 4 7.38 -0.92 -1.36
O3' CFL C 4 8.33 -0.11 -2.07
C2' CFL C 4 6.46 -0.21 -0.37
C1' CFL C 4 5.05 -0.42 -0.96
N1 CFL C 4 4.01 -0.80 0.03
C2 CFL C 4 2.93 0.06 0.28
O2 CFL C 4 2.73 1.09 -0.37
N3 CFL C 4 2.03 -0.22 1.26
C4 CFL C 4 2.16 -1.36 1.93
N4 CFL C 4 1.28 -1.57 2.88
C5 CFL C 4 3.19 -2.30 1.68
C6 CFL C 4 4.09 -1.99 0.72
F CFL C 4 6.60 -0.85 0.86
H5'1 CFL C 4 7.78 -3.45 -2.39
H5'2 CFL C 4 6.65 -3.51 -1.03
H4' CFL C 4 6.59 -1.47 -3.30
H3' CFL C 4 7.99 -1.62 -0.77
H2' CFL C 4 6.67 0.84 -0.24
H1' CFL C 4 4.78 0.49 -1.51
HN41 CFL C 4 0.51 -0.91 2.96
HN42 CFL C 4 1.30 -2.42 3.42
H5 CFL C 4 3.28 -3.23 2.23
H6 CFL C 4 4.90 -2.67 0.48
P CFL C 5 7.94 1.19 -2.95
O1P CFL C 5 6.57 1.01 -3.48
O2P CFL C 5 9.07 1.48 -3.87
O5' CFL C 5 7.92 2.31 -1.81
C5' CFL C 5 9.11 2.65 -1.10
C4' CFL C 5 8.78 3.68 -0.03
O4' CFL C 5 7.94 3.14 0.97
C3' CFL C 5 9.97 4.30 0.68
O3' CFL C 5 10.23 5.57 0.11
C2' CFL C 5 9.55 4.36 2.15
C1' CFL C 5 8.05 4.02 2.06
N1 CFL C 5 7.44 3.37 3.25
C2 CFL C 5 6.37 4.01 3.89
O2 CFL C 5 5.94 5.11 3.53
N3 CFL C 5 5.76 3.43 4.96
C4 CFL C 5 6.19 2.25 5.37
N4 CFL C 5 5.53 1.74 6.37
C5 CFL C 5 7.26 1.55 4.75
C6 CFL C 5 7.85 2.13 3.68
F CFL C 5 10.23 3.42 2.90
H5'1 CFL C 5 9.84 3.07 -1.80
H5'2 CFL C 5 9.54 1.77 -0.63
H4' CFL C 5 8.25 4.49 -0.51
H3' CFL C 5 10.85 3.65 0.59
H2' CFL C 5 9.68 5.34 2.59
H1' CFL C 5 7.51 4.96 1.84
HN41 CFL C 5 4.71 2.25 6.69
HN42 CFL C 5 5.77 0.83 6.73
H5 CFL C 5 7.59 0.57 5.07
H6 CFL C 5 8.65 1.63 3.14
P CFL D 4 -2.63 -3.34 7.20
O1P CFL D 4 -3.70 -3.93 8.05
O2P CFL D 4 -1.42 -4.14 6.89
O5' CFL D 4 -3.28 -2.90 5.80
C5' CFL D 4 -4.41 -2.04 5.74
C4' CFL D 4 -4.86 -1.80 4.30
O4' CFL D 4 -3.75 -1.44 3.51
C3' CFL D 4 -5.46 -3.07 3.66
O3' CFL D 4 -6.89 -3.00 3.63
C2' CFL D 4 -4.91 -3.10 2.24
C1' CFL D 4 -4.02 -1.85 2.19
N1 CFL D 4 -2.70 -2.02 1.50
C2 CFL D 4 -2.41 -1.19 0.42
O2 CFL D 4 -3.14 -0.27 0.07
N3 CFL D 4 -1.27 -1.35 -0.29
C4 CFL D 4 -0.44 -2.33 0.06
N4 CFL D 4 0.62 -2.45 -0.70
C5 CFL D 4 -0.67 -3.20 1.16
C6 CFL D 4 -1.82 -3.00 1.87
F CFL D 4 -4.24 -4.30 2.03
H5'1 CFL D 4 -4.18 -1.09 6.20
H5'2 CFL D 4 -5.24 -2.50 6.30
H4' CFL D 4 -5.60 -1.00 4.27
H3' CFL D 4 -5.11 -3.94 4.21
H2' CFL D 4 -5.69 -3.01 1.50
H1' CFL D 4 -4.60 -1.06 1.71
HN41 CFL D 4 0.72 -1.75 -1.43
HN42 CFL D 4 1.31 -3.15 -0.50
H5 CFL D 4 0.01 -3.99 1.46
H6 CFL D 4 -2.04 -3.61 2.75
P CFL D 5 -7.77 -4.34 3.79
O1P CFL D 5 -9.20 -3.96 3.71
O2P CFL D 5 -7.27 -5.08 4.96
O5' CFL D 5 -7.39 -5.19 2.47
C5' CFL D 5 -8.37 -5.57 1.53
C4' CFL D 5 -8.66 -4.48 0.48
O4' CFL D 5 -7.51 -4.25 -0.31
C3' CFL D 5 -9.78 -4.91 -0.46
O3' CFL D 5 -10.64 -3.81 -0.77
C2' CFL D 5 -9.05 -5.44 -1.68
C1' CFL D 5 -7.83 -4.52 -1.67
N1 CFL D 5 -6.61 -5.09 -2.31
C2 CFL D 5 -6.11 -4.50 -3.49
O2 CFL D 5 -6.66 -3.55 -4.05
N3 CFL D 5 -4.97 -4.96 -4.04
C4 CFL D 5 -4.33 -5.97 -3.46
N4 CFL D 5 -3.22 -6.33 -4.04
C5 CFL D 5 -4.79 -6.62 -2.29
C6 CFL D 5 -5.93 -6.13 -1.73
F CFL D 5 -8.68 -6.76 -1.51
H5'1 CFL D 5 -9.29 -5.83 2.04
H5'2 CFL D 5 -8.02 -6.46 1.00
H4' CFL D 5 -8.95 -3.56 1.00
H3' CFL D 5 -10.35 -5.72 0.00
H2' CFL D 5 -9.63 -5.33 -2.60
H1' CFL D 5 -8.12 -3.61 -2.19
HN41 CFL D 5 -2.92 -5.77 -4.85
HN42 CFL D 5 -2.66 -7.08 -3.67
H5 CFL D 5 -4.28 -7.44 -1.82
H6 CFL D 5 -6.32 -6.57 -0.81
P CFL A 4 -8.24 2.49 1.84
O1P CFL A 4 -8.52 2.58 3.29
O2P CFL A 4 -9.04 3.25 0.87
O5' CFL A 4 -6.69 2.91 1.60
C5' CFL A 4 -5.85 3.31 2.68
C4' CFL A 4 -5.22 2.11 3.41
O4' CFL A 4 -4.20 1.56 2.59
C3' CFL A 4 -4.56 2.58 4.72
O3' CFL A 4 -4.62 1.56 5.70
C2' CFL A 4 -3.14 2.87 4.26
C1' CFL A 4 -2.95 1.75 3.25
N1 CFL A 4 -1.91 2.08 2.23
C2 CFL A 4 -0.79 1.27 2.14
O2 CFL A 4 -0.55 0.33 2.91
N3 CFL A 4 0.10 1.53 1.15
C4 CFL A 4 -0.04 2.56 0.32
N4 CFL A 4 0.88 2.70 -0.60
C5 CFL A 4 -1.15 3.43 0.43
C6 CFL A 4 -2.06 3.16 1.39
F CFL A 4 -3.09 3.84 3.76
H5'1 CFL A 4 -6.43 3.89 3.39
H5'2 CFL A 4 -5.06 3.94 2.29
H4' CFL A 4 -5.98 1.36 3.63
H3' CFL A 4 -5.03 3.50 5.07
H2' CFL A 4 -2.41 2.81 5.07
H1' CFL A 4 -2.70 0.83 3.80
HN41 CFL A 4 1.68 2.04 -0.61
HN42 CFL A 4 0.84 3.48 -1.22
H5 CFL A 4 -1.28 4.28 -0.23
H6 CFL A 4 -2.94 3.78 1.50
HN3 CFL A 4 0.92 0.92 1.09
P CFL A 5 -4.62 1.91 7.28
O1P CFL A 5 -4.97 0.71 8.04
O2P CFL A 5 -5.41 3.16 7.44
O5' CFL A 5 -3.09 2.27 7.58
C5' CFL A 5 -2.72 3.56 8.04
C4' CFL A 5 -1.29 3.55 8.60
O4' CFL A 5 -0.39 3.72 7.51
C3' CFL A 5 -1.06 4.76 9.52
O3' CFL A 5 -1.30 4.59 10.93
C2' CFL A 5 0.35 5.22 9.15
C1' CFL A 5 0.81 4.24 8.06
N1 CFL A 5 1.59 4.86 6.94
C2 CFL A 5 2.77 4.24 6.54
O2 CFL A 5 3.22 3.21 7.03
N3 CFL A 5 3.47 4.84 5.53
C4 CFL A 5 3.06 5.95 4.91
N4 CFL A 5 3.79 6.40 3.93
C5 CFL A 5 1.85 6.57 5.30
C6 CFL A 5 1.15 6.00 6.30
F CFL A 5 0.29 6.22 8.73
H5'1 CFL A 5 -3.39 3.82 8.86
H5'2 CFL A 5 -2.81 4.29 7.25
H4' CFL A 5 -1.09 2.62 9.08
H3' CFL A 5 -1.73 5.56 9.21
H2' CFL A 5 1.06 5.20 9.98
H1' CFL A 5 1.37 3.42 8.54
HN41 CFL A 5 4.65 5.89 3.69
HN42 CFL A 5 3.51 7.22 3.45
H5 CFL A 5 1.48 7.47 4.82
H6 CFL A 5 0.21 6.45 6.60
HN3 CFL A 5 4.34 4.39 5.25
P CFL B 4 4.99 5.31 -5.20
O1P CFL B 4 5.53 4.73 -6.45
O2P CFL B 4 5.31 6.70 -4.82
O5' CFL B 4 3.39 5.19 -5.24
C5' CFL B 4 2.74 4.32 -6.15
C4' CFL B 4 2.97 2.84 -5.83
O4' CFL B 4 2.28 2.52 -4.63
C3' CFL B 4 2.41 1.98 -6.96
O3' CFL B 4 3.39 1.05 -7.42
C2' CFL B 4 1.18 1.34 -6.36
C1' CFL B 4 1.49 1.37 -4.86
N1 CFL B 4 0.27 1.49 -4.03
C2 CFL B 4 0.00 0.49 -3.10
O2 CFL B 4 0.70 -0.49 -2.93
N3 CFL B 4 -1.13 0.65 -2.34
C4 CFL B 4 -1.96 1.69 -2.49
N4 CFL B 4 -2.96 1.74 -1.66
C5 CFL B 4 -1.69 2.71 -3.42
C6 CFL B 4 -0.57 2.57 -4.18
F CFL B 4 0.32 1.98 -6.56
H5'1 CFL B 4 3.11 4.52 -7.16
H5'2 CFL B 4 1.67 4.52 -6.14
H4' CFL B 4 4.03 2.63 -5.70
H3' CFL B 4 2.09 2.61 -7.80
H2' CFL B 4 0.99 0.32 -6.70
H1' CFL B 4 2.07 0.47 -4.61
HN41 CFL B 4 -3.07 1.01 -0.96
HN42 CFL B 4 -3.61 2.50 -1.73
H5 CFL B 4 -2.34 3.56 -3.55
H6 CFL B 4 -0.32 3.33 -4.92
HN3 CFL B 4 -1.30 -0.07 -1.65
P CFL B 5 3.23 0.32 -8.84
O1P CFL B 5 4.58 -0.22 -9.11
O2P CFL B 5 2.61 1.28 -9.77
O5' CFL B 5 2.21 -0.87 -8.53
C5' CFL B 5 1.34 -1.35 -9.54
C4' CFL B 5 0.72 -2.67 -9.09
O4' CFL B 5 -0.36 -2.45 -8.19
C3' CFL B 5 0.20 -3.53 -10.25
O3' CFL B 5 0.85 -4.79 -10.15
C2' CFL B 5 -1.29 -3.59 -10.00
C1' CFL B 5 -1.32 -3.44 -8.48
N1 CFL B 5 -2.63 -3.03 -7.90
C2 CFL B 5 -3.10 -3.72 -6.79
O2 CFL B 5 -2.53 -4.69 -6.29
N3 CFL B 5 -4.28 -3.31 -6.24
C4 CFL B 5 -4.95 -2.25 -6.71
N4 CFL B 5 -6.02 -1.92 -6.04
C5 CFL B 5 -4.49 -1.53 -7.83
C6 CFL B 5 -3.32 -1.94 -8.39
F CFL B 5 -1.77 -2.70 -10.46
H5'1 CFL B 5 1.91 -1.52 -10.45
H5'2 CFL B 5 0.55 -0.63 -9.75
H4' CFL B 5 1.50 -3.24 -8.58
H3' CFL B 5 0.40 -3.05 -11.21
H2' CFL B 5 -1.75 -4.51 -10.33
H1' CFL B 5 -0.98 -4.40 -8.06
HN41 CFL B 5 -6.30 -2.48 -5.22
HN42 CFL B 5 -6.56 -1.12 -6.32
H5 CFL B 5 -5.00 -0.68 -8.23
H6 CFL B 5 -2.90 -1.40 -9.24
HN3 CFL B 5 -4.61 -3.81 -5.44
P CFL C 4 6.11 -4.14 -4.86
O1P CFL C 4 7.29 -3.31 -5.20
O2P CFL C 4 6.00 -5.51 -5.40
O5' CFL C 4 6.00 -4.24 -3.25
C5' CFL C 4 6.85 -3.48 -2.38
C4' CFL C 4 6.52 -1.98 -2.36
O4' CFL C 4 5.19 -1.81 -1.88
C3' CFL C 4 7.47 -1.25 -1.39
O3' CFL C 4 8.48 -0.45 -2.00
C2' CFL C 4 6.55 -0.51 -0.40
C1' CFL C 4 5.14 -0.71 -1.00
N1 CFL C 4 4.09 -1.03 0.01
C2 CFL C 4 3.05 -0.12 0.26
O2 CFL C 4 2.88 0.90 -0.41
N3 CFL C 4 2.16 -0.36 1.25
C4 CFL C 4 2.26 -1.49 1.94
N4 CFL C 4 1.36 -1.67 2.88
C5 CFL C 4 3.24 -2.48 1.69
C6 CFL C 4 4.13 -2.22 0.70
F CFL C 4 6.68 -1.14 0.83
H5'1 CFL C 4 7.88 -3.61 -2.70
H5'2 CFL C 4 6.74 -3.87 -1.38
H4' CFL C 4 6.60 -1.58 -3.36
H3' CFL C 4 8.00 -1.99 -0.82
H2' CFL C 4 6.76 0.54 -0.30
H1' CFL C 4 4.89 0.20 -1.58
HN41 CFL C 4 0.61 -0.99 2.94
HN42 CFL C 4 1.36 -2.52 3.42
H5 CFL C 4 3.31 -3.41 2.24
H6 CFL C 4 4.92 -2.94 0.46
P CFL C 5 8.22 0.90 -2.88
O1P CFL C 5 6.88 0.80 -3.49
O2P CFL C 5 9.42 1.16 -3.69
O5' CFL C 5 8.15 2.01 -1.71
C5' CFL C 5 9.30 2.35 -0.95
C4' CFL C 5 8.93 3.42 0.08
O4' CFL C 5 8.04 2.89 1.04
C3' CFL C 5 10.13 3.97 0.85
O3' CFL C 5 10.56 5.20 0.24
C2' CFL C 5 9.59 4.15 2.27
C1' CFL C 5 8.10 3.79 2.12
N1 CFL C 5 7.46 3.17 3.32
C2 CFL C 5 6.39 3.83 3.93
O2 CFL C 5 5.97 4.91 3.52
N3 CFL C 5 5.77 3.28 4.99
C4 CFL C 5 6.19 2.11 5.45
N4 CFL C 5 5.51 1.64 6.47
C5 CFL C 5 7.27 1.39 4.87
C6 CFL C 5 7.87 1.94 3.79
F CFL C 5 10.25 3.32 3.16
H5'1 CFL C 5 10.07 2.75 -1.61
H5'2 CFL C 5 9.67 1.47 -0.44
H4' CFL C 5 8.45 4.25 -0.43
H3' CFL C 5 10.93 3.23 0.87
H2' CFL C 5 9.67 5.18 2.62
H1' CFL C 5 7.57 4.70 1.86
HN41 CFL C 5 4.67 2.16 6.74
HN42 CFL C 5 5.74 0.74 6.85
H5 CFL C 5 7.59 0.43 5.24
H6 CFL C 5 8.67 1.42 3.28
P CFL D 4 -2.62 -3.26 7.29
O1P CFL D 4 -3.80 -3.70 8.07
O2P CFL D 4 -1.45 -4.14 7.15
O5' CFL D 4 -3.13 -2.89 5.80
C5' CFL D 4 -4.24 -2.04 5.60
C4' CFL D 4 -4.59 -1.92 4.12
O4' CFL D 4 -3.43 -1.58 3.37
C3' CFL D 4 -5.08 -3.25 3.55
O3' CFL D 4 -6.51 -3.32 3.55
C2' CFL D 4 -4.55 -3.26 2.12
C1' CFL D 4 -3.66 -2.00 2.05
N1 CFL D 4 -2.36 -2.16 1.34
C2 CFL D 4 -2.08 -1.27 0.30
O2 CFL D 4 -2.81 -0.33 0.01
N3 CFL D 4 -0.95 -1.41 -0.43
C4 CFL D 4 -0.12 -2.41 -0.14
N4 CFL D 4 0.93 -2.49 -0.91
C5 CFL D 4 -0.35 -3.33 0.92
C6 CFL D 4 -1.47 -3.15 1.66
F CFL D 4 -3.92 -4.46 1.86
H5'1 CFL D 4 -4.03 -1.05 6.01
H5'2 CFL D 4 -5.11 -2.45 6.12
H4' CFL D 4 -5.35 -1.14 3.97
H3' CFL D 4 -4.63 -4.06 4.10
H2' CFL D 4 -5.36 -3.14 1.40
H1' CFL D 4 -4.27 -1.23 1.58
HN41 CFL D 4 1.02 -1.77 -1.62
HN42 CFL D 4 1.59 -3.22 -0.78
H5 CFL D 4 0.33 -4.12 1.17
H6 CFL D 4 -1.69 -3.80 2.51
P CFL D 5 -7.26 -4.72 3.82
O1P CFL D 5 -8.71 -4.41 3.89
O2P CFL D 5 -6.60 -5.39 4.96
O5' CFL D 5 -6.98 -5.59 2.50
C5' CFL D 5 -8.01 -5.84 1.55
C4' CFL D 5 -8.33 -4.63 0.66
O4' CFL D 5 -7.22 -4.31 -0.18
C3' CFL D 5 -9.50 -4.94 -0.27
O3' CFL D 5 -10.32 -3.79 -0.46
C2' CFL D 5 -8.84 -5.41 -1.55
C1' CFL D 5 -7.58 -4.53 -1.54
N1 CFL D 5 -6.40 -5.11 -2.24
C2 CFL D 5 -5.96 -4.52 -3.43
O2 CFL D 5 -6.53 -3.56 -3.96
N3 CFL D 5 -4.83 -4.97 -4.04
C4 CFL D 5 -4.19 -6.00 -3.50
N4 CFL D 5 -3.10 -6.36 -4.12
C5 CFL D 5 -4.62 -6.67 -2.31
C6 CFL D 5 -5.73 -6.18 -1.71
F CFL D 5 -8.51 -6.75 -1.47
H5'1 CFL D 5 -8.91 -6.16 2.07
H5'2 CFL D 5 -7.68 -6.67 0.90
H4' CFL D 5 -8.57 -3.77 1.29
H3' CFL D 5 -10.10 -5.76 0.15
H2' CFL D 5 -9.45 -5.23 -2.43
H1' CFL D 5 -7.87 -3.59 -2.02
HN41 CFL D 5 -2.82 -5.80 -4.93
HN42 CFL D 5 -2.54 -7.12 -3.78
H5 CFL D 5 -4.09 -7.50 -1.88
H6 CFL D 5 -6.08 -6.62 -0.79
P CFL A 4 -8.26 2.62 1.53
O1P CFL A 4 -9.07 2.95 2.73
O2P CFL A 4 -8.12 3.58 0.41
O5' CFL A 4 -6.80 2.23 2.02
C5' CFL A 4 -6.08 2.99 2.95
C4' CFL A 4 -5.17 1.98 3.63
O4' CFL A 4 -4.17 1.56 2.71
C3' CFL A 4 -4.51 2.55 4.87
O3' CFL A 4 -4.54 1.57 5.89
C2' CFL A 4 -3.11 2.85 4.37
C1' CFL A 4 -2.92 1.74 3.34
N1 CFL A 4 -1.93 2.08 2.29
C2 CFL A 4 -0.80 1.27 2.18
O2 CFL A 4 -0.57 0.33 2.92
N3 CFL A 4 0.07 1.55 1.18
C4 CFL A 4 -0.09 2.58 0.35
N4 CFL A 4 0.82 2.74 -0.56
C5 CFL A 4 -1.22 3.43 0.47
C6 CFL A 4 -2.11 3.14 1.44
F CFL A 4 -3.10 3.83 3.87
H5'1 CFL A 4 -6.74 3.44 3.68
H5'2 CFL A 4 -5.48 3.75 2.44
H4' CFL A 4 -5.77 1.11 3.91
H3' CFL A 4 -5.00 3.47 5.18
H2' CFL A 4 -2.36 2.80 5.16
H1' CFL A 4 -2.66 0.82 3.89
HN41 CFL A 4 1.63 2.11 -0.59
HN42 CFL A 4 0.77 3.55 -1.16
H5 CFL A 4 -1.38 4.27 -0.18
H6 CFL A 4 -3.00 3.76 1.58
HN3 CFL A 4 0.89 0.95 1.11
P CFL A 5 -4.56 1.98 7.44
O1P CFL A 5 -4.97 0.80 8.23
O2P CFL A 5 -5.30 3.26 7.55
O5' CFL A 5 -3.01 2.28 7.72
C5' CFL A 5 -2.61 3.50 8.32
C4' CFL A 5 -1.17 3.41 8.81
O4' CFL A 5 -0.31 3.59 7.69
C3' CFL A 5 -0.86 4.56 9.77
O3' CFL A 5 -1.01 4.31 11.18
C2' CFL A 5 0.53 5.03 9.34
C1' CFL A 5 0.91 4.07 8.20
N1 CFL A 5 1.65 4.71 7.07
C2 CFL A 5 2.84 4.13 6.63
O2 CFL A 5 3.30 3.09 7.09
N3 CFL A 5 3.51 4.76 5.63
C4 CFL A 5 3.06 5.88 5.05
N4 CFL A 5 3.75 6.35 4.06
C5 CFL A 5 1.84 6.47 5.46
C6 CFL A 5 1.17 5.85 6.46
F CFL A 5 0.44 6.04 8.94
H5'1 CFL A 5 -3.26 3.69 9.18
H5'2 CFL A 5 -2.71 4.33 7.61
H4' CFL A 5 -1.00 2.43 9.25
H3' CFL A 5 -1.54 5.38 9.56
H2' CFL A 5 1.29 4.99 10.12
H1' CFL A 5 1.47 3.24 8.63
HN41 CFL A 5 4.62 5.87 3.76
HN42 CFL A 5 3.46 7.19 3.60
H5 CFL A 5 1.44 7.35 5.01
H6 CFL A 5 0.22 6.27 6.79
HN3 CFL A 5 4.37 4.33 5.31
P CFL B 4 5.01 5.33 -5.16
O1P CFL B 4 5.58 4.71 -6.38
O2P CFL B 4 5.33 6.72 -4.81
O5' CFL B 4 3.41 5.20 -5.24
C5' CFL B 4 2.78 4.29 -6.15
C4' CFL B 4 3.01 2.82 -5.76
O4' CFL B 4 2.27 2.54 -4.58
C3' CFL B 4 2.48 1.92 -6.89
O3' CFL B 4 3.43 0.92 -7.23
C2' CFL B 4 1.19 1.37 -6.31
C1' CFL B 4 1.46 1.41 -4.81
N1 CFL B 4 0.22 1.59 -4.02
C2 CFL B 4 -0.10 0.61 -3.07
O2 CFL B 4 0.58 -0.40 -2.87
N3 CFL B 4 -1.25 0.79 -2.36
C4 CFL B 4 -2.06 1.84 -2.54
N4 CFL B 4 -3.10 1.92 -1.77
C5 CFL B 4 -1.72 2.85 -3.47
C6 CFL B 4 -0.59 2.69 -4.18
F CFL B 4 0.37 2.05 -6.56
H5'1 CFL B 4 3.19 4.46 -7.14
H5'2 CFL B 4 1.72 4.49 -6.16
H4' CFL B 4 4.06 2.62 -5.60
H3' CFL B 4 2.23 2.51 -7.77
H2' CFL B 4 0.96 0.36 -6.63
H1' CFL B 4 2.02 0.51 -4.53
HN41 CFL B 4 -3.26 1.17 -1.07
HN42 CFL B 4 -3.74 2.68 -1.88
H5 CFL B 4 -2.34 3.73 -3.62
H6 CFL B 4 -0.29 3.44 -4.92
HN3 CFL B 4 -1.46 0.07 -1.67
P CFL B 5 3.33 0.11 -8.61
O1P CFL B 5 4.66 -0.50 -8.74
O2P CFL B 5 2.82 1.03 -9.64
O5' CFL B 5 2.23 -1.00 -8.32
C5' CFL B 5 1.36 -1.43 -9.36
C4' CFL B 5 0.65 -2.71 -8.95
O4' CFL B 5 -0.41 -2.48 -8.04
C3' CFL B 5 0.06 -3.41 -10.17
O3' CFL B 5 0.89 -4.54 -10.35
C2' CFL B 5 -1.40 -3.67 -9.81
C1' CFL B 5 -1.36 -3.48 -8.30
N1 CFL B 5 -2.67 -3.03 -7.75
C2 CFL B 5 -3.20 -3.72 -6.66
O2 CFL B 5 -2.66 -4.69 -6.14
N3 CFL B 5 -4.38 -3.28 -6.16
C4 CFL B 5 -5.02 -2.22 -6.65
N4 CFL B 5 -6.13 -1.88 -6.06
C5 CFL B 5 -4.49 -1.50 -7.75
C6 CFL B 5 -3.32 -1.94 -8.27
F CFL B 5 -2.01 -2.90 -10.28
H5'1 CFL B 5 1.95 -1.64 -10.25
H5'2 CFL B 5 0.61 -0.68 -9.60
H4' CFL B 5 1.38 -3.38 -8.49
H3' CFL B 5 0.09 -2.78 -11.04
H2' CFL B 5 -1.79 -4.66 -10.04
H1' CFL B 5 -1.04 -4.43 -7.86
HN41 CFL B 5 -6.45 -2.42 -5.25
HN42 CFL B 5 -6.65 -1.09 -6.38
H5 CFL B 5 -4.98 -0.63 -8.17
H6 CFL B 5 -2.86 -1.41 -9.11
HN3 CFL B 5 -4.75 -3.78 -5.36
P CFL C 4 6.01 -4.20 -4.63
O1P CFL C 4 7.20 -3.44 -5.05
O2P CFL C 4 5.84 -5.59 -5.10
O5' CFL C 4 5.96 -4.22 -3.01
C5' CFL C 4 6.83 -3.43 -2.22
C4' CFL C 4 6.53 -1.93 -2.31
O4' CFL C 4 5.19 -1.71 -1.90
C3' CFL C 4 7.47 -1.15 -1.37
O3' CFL C 4 8.45 -0.33 -2.03
C2' CFL C 4 6.54 -0.43 -0.39
C1' CFL C 4 5.14 -0.61 -1.01
N1 CFL C 4 4.08 -0.95 -0.01
C2 CFL C 4 3.04 -0.06 0.23
O2 CFL C 4 2.86 0.97 -0.42
N3 CFL C 4 2.15 -0.31 1.24
C4 CFL C 4 2.25 -1.45 1.92
N4 CFL C 4 1.36 -1.64 2.85
C5 CFL C 4 3.24 -2.43 1.65
C6 CFL C 4 4.13 -2.15 0.67
F CFL C 4 6.66 -1.06 0.83
H5'1 CFL C 4 7.86 -3.61 -2.53
H5'2 CFL C 4 6.72 -3.73 -1.17
H4' CFL C 4 6.66 -1.59 -3.33
H3' CFL C 4 8.04 -1.86 -0.79
H2' CFL C 4 6.76 0.63 -0.27
H1' CFL C 4 4.89 0.31 -1.56
HN41 CFL C 4 0.60 -0.97 2.92
HN42 CFL C 4 1.36 -2.48 3.39
H5 CFL C 4 3.30 -3.36 2.20
H6 CFL C 4 4.92 -2.87 0.43
P CFL C 5 8.14 0.99 -2.90
O1P CFL C 5 6.79 0.85 -3.49
O2P CFL C 5 9.31 1.26 -3.76
O5' CFL C 5 8.09 2.09 -1.75
C5' CFL C 5 9.25 2.43 -1.00
C4' CFL C 5 8.88 3.48 0.03
O4' CFL C 5 8.02 2.94 1.03
C3' CFL C 5 10.06 4.11 0.77
O3' CFL C 5 10.35 5.36 0.13
C2' CFL C 5 9.57 4.26 2.21
C1' CFL C 5 8.09 3.86 2.09
N1 CFL C 5 7.49 3.23 3.30
C2 CFL C 5 6.41 3.85 3.93
O2 CFL C 5 5.96 4.93 3.55
N3 CFL C 5 5.81 3.27 4.99
C4 CFL C 5 6.25 2.10 5.42
N4 CFL C 5 5.59 1.58 6.41
C5 CFL C 5 7.35 1.41 4.81
C6 CFL C 5 7.93 2.00 3.74
F CFL C 5 10.28 3.42 3.03
H5'1 CFL C 5 10.01 2.84 -1.66
H5'2 CFL C 5 9.63 1.55 -0.48
H4' CFL C 5 8.35 4.29 -0.47
H3' CFL C 5 10.91 3.45 0.74
H2' CFL C 5 9.64 5.28 2.56
H1' CFL C 5 7.53 4.77 1.83
HN41 CFL C 5 4.76 2.08 6.72
HN42 CFL C 5 5.84 0.68 6.77
H5 CFL C 5 7.69 0.44 5.15
H6 CFL C 5 8.74 1.51 3.21
P CFL D 4 -2.49 -3.47 7.01
O1P CFL D 4 -3.57 -4.08 7.81
O2P CFL D 4 -1.28 -4.25 6.66
O5' CFL D 4 -3.12 -2.94 5.63
C5' CFL D 4 -4.27 -2.12 5.62
C4' CFL D 4 -4.75 -1.84 4.20
O4' CFL D 4 -3.66 -1.41 3.42
C3' CFL D 4 -5.29 -3.09 3.53
O3' CFL D 4 -6.72 -3.16 3.65
C2' CFL D 4 -4.86 -2.95 2.07
C1' CFL D 4 -3.94 -1.72 2.08
N1 CFL D 4 -2.64 -1.91 1.37
C2 CFL D 4 -2.35 -1.07 0.29
O2 CFL D 4 -3.09 -0.15 -0.06
N3 CFL D 4 -1.20 -1.24 -0.41
C4 CFL D 4 -0.37 -2.21 -0.06
N4 CFL D 4 0.69 -2.34 -0.80
C5 CFL D 4 -0.62 -3.09 1.04
C6 CFL D 4 -1.76 -2.89 1.75
F CFL D 4 -4.27 -4.13 1.64
H5'1 CFL D 4 -4.04 -1.17 6.11
H5'2 CFL D 4 -5.08 -2.60 6.17
H4' CFL D 4 -5.52 -1.07 4.21
H3' CFL D 4 -4.80 -3.98 3.96
H2' CFL D 4 -5.71 -2.73 1.43
H1' CFL D 4 -4.50 -0.88 1.67
HN41 CFL D 4 0.82 -1.64 -1.54
HN42 CFL D 4 1.36 -3.06 -0.62
H5 CFL D 4 0.07 -3.88 1.33
H6 CFL D 4 -1.99 -3.51 2.62
P CFL D 5 -7.46 -4.58 3.80
O1P CFL D 5 -8.88 -4.20 3.97
O2P CFL D 5 -6.77 -5.33 4.86
O5' CFL D 5 -7.26 -5.33 2.40
C5' CFL D 5 -8.33 -5.60 1.51
C4' CFL D 5 -8.67 -4.41 0.60
O4' CFL D 5 -7.55 -4.06 -0.21
C3' CFL D 5 -9.80 -4.77 -0.35
O3' CFL D 5 -10.63 -3.64 -0.62
C2' CFL D 5 -9.09 -5.28 -1.59
C1' CFL D 5 -7.86 -4.37 -1.57
N1 CFL D 5 -6.64 -4.96 -2.19
C2 CFL D 5 -6.16 -4.44 -3.40
O2 CFL D 5 -6.71 -3.50 -3.98
N3 CFL D 5 -5.03 -4.92 -3.96
C4 CFL D 5 -4.39 -5.92 -3.36
N4 CFL D 5 -3.29 -6.30 -3.94
C5 CFL D 5 -4.85 -6.52 -2.15
C6 CFL D 5 -5.97 -6.00 -1.59
F CFL D 5 -8.74 -6.61 -1.46
H5'1 CFL D 5 -9.22 -5.87 2.08
H5'2 CFL D 5 -8.05 -6.45 0.89
H4' CFL D 5 -8.95 -3.56 1.22
H3' CFL D 5 -10.41 -5.57 0.08
H2' CFL D 5 -9.66 -5.13 -2.50
H1' CFL D 5 -8.14 -3.47 -2.12
HN41 CFL D 5 -3.00 -5.76 -4.76
HN42 CFL D 5 -2.73 -7.03 -3.53
H5 CFL D 5 -4.32 -7.33 -1.66
H6 CFL D 5 -6.35 -6.40 -0.65
#